data_7QTK
#
_entry.id   7QTK
#
_cell.length_a   1.00
_cell.length_b   1.00
_cell.length_c   1.00
_cell.angle_alpha   90.00
_cell.angle_beta   90.00
_cell.angle_gamma   90.00
#
_symmetry.space_group_name_H-M   'P 1'
#
loop_
_entity.id
_entity.type
_entity.pdbx_description
1 polymer 'Surface glycoprotein'
2 polymer 'P2G3 Heavy Chain'
3 polymer 'P2G3 Light Chain'
4 branched 2-acetamido-2-deoxy-beta-D-glucopyranose-(1-4)-2-acetamido-2-deoxy-beta-D-glucopyranose
#
loop_
_entity_poly.entity_id
_entity_poly.type
_entity_poly.pdbx_seq_one_letter_code
_entity_poly.pdbx_strand_id
1 'polypeptide(L)'
;MFVFLVLLPLVSSQCVNLTTRTQLPPAYTNSFTRGVYYPDKVFRSSVLHSTQDLFLPFFSNVTWFHVISGTNGTKRFDNP
VLPFNDGVYFASIEKSNIIRGWIFGTTLDSKTQSLLIVNNATNVVIKVCEFQFCNDPFLDHKNNKSWMESEFRVYSSANN
CTFEYVSQPFLMDLEGKQGNFKNLREFVFKNIDGYFKIYSKHTPIIVREPEDLPQGFSALEPLVDLPIGINITRFQTLLA
LHRSYLTPGDSSSGWTAGAAAYYVGYLQPRTFLLKYNENGTITDAVDCALDPLSETKCTLKSFTVEKGIYQTSNFRVQPT
ESIVRFPNITNLCPFDEVFNATRFASVYAWNRKRISNCVADYSVLYNLAPFFTFKCYGVSPTKLNDLCFTNVYADSFVIR
GDEVRQIAPGQTGNIADYNYKLPDDFTGCVIAWNSNKLDSKVSGNYNYLYRLFRKSNLKPFERDISTEIYQAGNKPCNGV
AGFNCYFPLRSYSFRPTYGVGHQPYRVVVLSFELLHAPATVCGPKKSTNLVKNKCVNFNFNGLKGTGVLTESNKKFLPFQ
QFGRDIADTTDAVRDPQTLEILDITPCSFGGVSVITPGTNTSNQVAVLYQGVNCTEVPVAIHADQLTPTWRVYSTGSNVF
QTRAGCLIGAEYVNNSYECDIPIGAGICASYQTQTKSHGSASSVASQSIIAYTMSLGAENSVAYSNNSIAIPTNFTISVT
TEILPVSMTKTSVDCTMYICGDSTECSNLLLQYGSFCTQLKRALTGIAVEQDKNTQEVFAQVKQIYKTPPIKYFGGFNFS
QILPDPSKPSKRSFIEDLLFNKVTLADAGFIKQYGDCLGDIAARDLICAQKFKGLTVLPPLLTDEMIAQYTSALLAGTIT
SGWTFGAGAALQIPFAMQMAYRFNGIGVTQNVLYENQKLIANQFNSAIGKIQDSLSSTASALGKLQDVVNHNAQALNTLV
KQLSSKFGAISSVLNDIFSRLDPPEAEVQIDRLITGRLQSLQTYVTQQLIRAAEIRASANLAATKMSECVLGQSKRVDFC
GKGYHLMSFPQSAPHGVVFLHVTYVPAQEKNFTTAPAICHDGKAHFPREGVFVSNGTHWFVTQRNFYEPQIITTDNTFVS
GNCDVVIGIVNNTVYDPLQPELDSFKEELDKYFKNHTSPDVDLGDISGINASVVNIQKEIDRLNEVAKNLNESLIDLQEL
GKYEQGSGYIPEAPRDGQAYVRKDGEWVLLSTFLGRSLEVLFQGPGHHHHHHHHSAWSHPQFEKGGGSGGGGSGGSAWSH
PQFEK
;
D
2 'polypeptide(L)'
;EVQLVESGGGLVQPGRSLRLSCAASGFRFDDYALHWVRQAPEKGLEWVSGISWNSNNIGYAESVKGRFTISRDTAKKSLY
LQMNDLRAEDTALYYCVKDRHYDSSGYFVNGFDIWGQGTLVTVSAASTKGPSVFPLAPSSKSTSGGTAALGCLVKDYFPE
PVTVSWNSGALTSGVHTFPAVLQSSGLYSLSSVVTVPSSSLGTQTYICNVNHKPSNTKVDKRVEPKSC
;
B
3 'polypeptide(L)'
;DIQLTQSPSFLSASVGDRVTVTCRASQGISSYVAWYQQKAGKAPTLLIYTASTLQSGVPSRFSGSGSGTEFTLTISSLQP
EDFATYYCQQLHSYPVTFGQGTRLDIERTVAAPSVFIFPPSDEQLKSGTASVVCLLNNFYPREAKVQWKVDNALQSGNSQ
ESVTEQDSKDSTYSLSSTLTLSKADYEKHKVYACEVTHQGLSSPVTKSFNRGEC
;
C
#
loop_
_chem_comp.id
_chem_comp.type
_chem_comp.name
_chem_comp.formula
NAG D-saccharide, beta linking 2-acetamido-2-deoxy-beta-D-glucopyranose 'C8 H15 N O6'
#
# COMPACT_ATOMS: atom_id res chain seq x y z
N PRO A 327 11.66 44.07 24.36
CA PRO A 327 10.59 44.07 25.35
C PRO A 327 10.16 42.66 25.77
N ASN A 328 8.87 42.48 25.98
CA ASN A 328 8.30 41.19 26.35
C ASN A 328 7.96 40.40 25.10
N ILE A 329 7.16 39.35 25.23
CA ILE A 329 6.67 38.50 24.14
C ILE A 329 7.77 37.53 23.72
N THR A 330 7.44 36.24 23.66
CA THR A 330 8.44 35.19 23.43
C THR A 330 8.04 34.18 22.37
N ASN A 331 6.77 34.07 22.00
CA ASN A 331 6.34 33.08 21.02
C ASN A 331 7.03 33.30 19.69
N LEU A 332 7.56 32.22 19.11
CA LEU A 332 8.32 32.32 17.88
C LEU A 332 7.41 32.61 16.69
N CYS A 333 7.93 33.35 15.72
CA CYS A 333 7.19 33.63 14.50
C CYS A 333 7.07 32.36 13.65
N PRO A 334 6.00 32.24 12.87
CA PRO A 334 5.83 31.04 12.03
C PRO A 334 6.72 31.06 10.80
N PHE A 335 8.02 30.91 11.02
CA PHE A 335 8.99 30.86 9.94
C PHE A 335 9.15 29.45 9.36
N ASP A 336 8.42 28.47 9.90
CA ASP A 336 8.43 27.12 9.36
C ASP A 336 7.26 26.82 8.45
N GLU A 337 6.14 27.53 8.60
CA GLU A 337 5.01 27.32 7.72
C GLU A 337 5.33 27.73 6.28
N VAL A 338 6.21 28.73 6.11
CA VAL A 338 6.51 29.25 4.78
C VAL A 338 7.70 28.53 4.16
N PHE A 339 8.73 28.23 4.95
CA PHE A 339 9.95 27.63 4.42
C PHE A 339 9.91 26.11 4.40
N ASN A 340 8.86 25.49 4.93
CA ASN A 340 8.71 24.04 4.89
C ASN A 340 7.45 23.61 4.15
N ALA A 341 6.74 24.54 3.52
CA ALA A 341 5.49 24.20 2.83
C ALA A 341 5.78 23.29 1.65
N THR A 342 4.92 22.29 1.46
CA THR A 342 5.13 21.33 0.38
C THR A 342 4.94 21.97 -0.99
N ARG A 343 3.89 22.77 -1.14
CA ARG A 343 3.54 23.36 -2.44
C ARG A 343 3.71 24.87 -2.37
N PHE A 344 4.36 25.44 -3.37
CA PHE A 344 4.56 26.87 -3.49
C PHE A 344 3.70 27.41 -4.62
N ALA A 345 3.02 28.52 -4.36
CA ALA A 345 2.12 29.10 -5.35
C ALA A 345 2.89 29.57 -6.57
N SER A 346 2.21 29.56 -7.72
CA SER A 346 2.84 29.96 -8.97
C SER A 346 3.22 31.44 -8.93
N VAL A 347 4.17 31.81 -9.80
CA VAL A 347 4.75 33.15 -9.74
C VAL A 347 3.71 34.21 -10.13
N TYR A 348 2.85 33.90 -11.09
CA TYR A 348 1.91 34.91 -11.57
C TYR A 348 0.88 35.26 -10.49
N ALA A 349 0.46 34.28 -9.71
CA ALA A 349 -0.44 34.50 -8.58
C ALA A 349 0.29 34.08 -7.31
N TRP A 350 1.07 35.01 -6.76
CA TRP A 350 1.83 34.74 -5.55
C TRP A 350 0.95 34.94 -4.31
N ASN A 351 1.53 34.66 -3.15
CA ASN A 351 0.81 34.73 -1.88
C ASN A 351 1.52 35.71 -0.95
N ARG A 352 0.74 36.34 -0.08
CA ARG A 352 1.23 37.38 0.82
C ARG A 352 0.94 36.98 2.26
N LYS A 353 1.94 37.05 3.11
CA LYS A 353 1.83 36.61 4.49
C LYS A 353 2.32 37.70 5.44
N ARG A 354 1.64 37.83 6.58
CA ARG A 354 1.92 38.84 7.59
C ARG A 354 2.57 38.16 8.80
N ILE A 355 3.73 38.66 9.23
CA ILE A 355 4.36 38.18 10.45
C ILE A 355 4.34 39.35 11.44
N SER A 356 3.62 39.17 12.55
CA SER A 356 3.48 40.23 13.55
C SER A 356 3.32 39.61 14.93
N ASN A 357 3.65 40.42 15.95
CA ASN A 357 3.46 40.06 17.35
C ASN A 357 4.15 38.73 17.68
N CYS A 358 5.47 38.73 17.53
CA CYS A 358 6.29 37.56 17.81
C CYS A 358 7.74 38.00 17.87
N VAL A 359 8.64 37.04 18.09
CA VAL A 359 10.07 37.27 18.12
C VAL A 359 10.71 36.48 16.98
N ALA A 360 11.54 37.14 16.19
CA ALA A 360 12.13 36.52 15.02
C ALA A 360 13.39 35.76 15.39
N ASP A 361 13.70 34.73 14.60
CA ASP A 361 14.89 33.91 14.76
C ASP A 361 15.53 33.62 13.40
N TYR A 362 16.41 34.53 12.97
CA TYR A 362 17.04 34.42 11.66
C TYR A 362 18.20 33.43 11.63
N SER A 363 18.62 32.91 12.79
CA SER A 363 19.73 31.96 12.81
C SER A 363 19.40 30.70 12.03
N VAL A 364 18.18 30.17 12.20
CA VAL A 364 17.81 28.91 11.60
C VAL A 364 17.89 28.99 10.07
N LEU A 365 17.51 30.15 9.52
CA LEU A 365 17.43 30.29 8.08
C LEU A 365 18.76 29.96 7.41
N TYR A 366 19.84 30.61 7.85
CA TYR A 366 21.15 30.33 7.27
C TYR A 366 21.89 29.20 7.98
N ASN A 367 21.33 28.64 9.05
CA ASN A 367 21.96 27.48 9.67
C ASN A 367 21.56 26.19 8.95
N LEU A 368 20.26 25.97 8.78
CA LEU A 368 19.81 24.68 8.25
C LEU A 368 19.86 24.62 6.73
N ALA A 369 19.10 25.49 6.07
CA ALA A 369 18.87 25.34 4.63
C ALA A 369 20.14 25.62 3.84
N PRO A 370 20.60 24.68 3.00
CA PRO A 370 21.69 24.99 2.07
C PRO A 370 21.13 25.75 0.87
N PHE A 371 21.39 27.05 0.84
CA PHE A 371 20.86 27.92 -0.20
C PHE A 371 21.96 28.81 -0.75
N PHE A 372 21.65 29.44 -1.87
CA PHE A 372 22.53 30.41 -2.53
C PHE A 372 21.81 31.76 -2.60
N THR A 373 22.59 32.79 -2.90
CA THR A 373 22.08 34.14 -3.16
C THR A 373 21.23 34.65 -1.99
N PHE A 374 21.90 34.83 -0.85
CA PHE A 374 21.32 35.52 0.30
C PHE A 374 21.52 37.03 0.21
N LYS A 375 21.70 37.55 -0.99
CA LYS A 375 21.87 38.98 -1.24
C LYS A 375 20.71 39.81 -0.72
N CYS A 376 20.95 40.59 0.34
CA CYS A 376 19.92 41.43 0.93
C CYS A 376 20.22 42.91 0.68
N TYR A 377 19.15 43.69 0.50
CA TYR A 377 19.24 45.12 0.28
C TYR A 377 18.76 45.89 1.50
N GLY A 378 19.51 46.95 1.85
CA GLY A 378 19.12 47.85 2.90
C GLY A 378 19.64 47.51 4.28
N VAL A 379 20.26 46.35 4.47
CA VAL A 379 20.80 45.96 5.77
C VAL A 379 21.79 44.83 5.56
N SER A 380 22.82 44.79 6.39
CA SER A 380 23.78 43.69 6.33
C SER A 380 23.17 42.43 6.92
N PRO A 381 23.40 41.26 6.32
CA PRO A 381 22.74 40.04 6.82
C PRO A 381 23.15 39.65 8.23
N THR A 382 24.31 40.13 8.69
CA THR A 382 24.82 39.68 9.99
C THR A 382 24.02 40.25 11.15
N LYS A 383 23.61 41.51 11.05
CA LYS A 383 23.06 42.23 12.19
C LYS A 383 21.54 42.38 12.14
N LEU A 384 20.83 41.36 11.65
CA LEU A 384 19.37 41.40 11.70
C LEU A 384 18.81 41.14 13.09
N ASN A 385 19.63 40.68 14.04
CA ASN A 385 19.13 40.34 15.37
C ASN A 385 18.97 41.56 16.26
N ASP A 386 19.88 42.54 16.14
CA ASP A 386 19.87 43.68 17.05
C ASP A 386 18.71 44.63 16.75
N LEU A 387 18.47 44.93 15.47
CA LEU A 387 17.50 45.93 15.09
C LEU A 387 16.08 45.48 15.40
N CYS A 388 15.19 46.46 15.57
CA CYS A 388 13.76 46.20 15.64
C CYS A 388 13.01 46.83 14.48
N PHE A 389 11.94 46.13 14.09
CA PHE A 389 11.24 46.32 12.83
C PHE A 389 9.78 46.67 13.12
N THR A 390 9.11 47.24 12.12
CA THR A 390 7.69 47.52 12.27
C THR A 390 6.84 46.29 12.00
N ASN A 391 6.93 45.76 10.78
CA ASN A 391 6.21 44.55 10.41
C ASN A 391 6.99 43.83 9.31
N VAL A 392 6.72 42.53 9.18
CA VAL A 392 7.42 41.68 8.22
C VAL A 392 6.39 41.09 7.26
N TYR A 393 6.66 41.22 5.97
CA TYR A 393 5.81 40.67 4.92
C TYR A 393 6.57 39.59 4.18
N ALA A 394 5.99 38.39 4.11
CA ALA A 394 6.65 37.23 3.51
C ALA A 394 5.90 36.82 2.25
N ASP A 395 6.62 36.71 1.14
CA ASP A 395 6.09 36.23 -0.12
C ASP A 395 6.83 34.96 -0.51
N SER A 396 6.34 34.29 -1.56
CA SER A 396 6.90 33.02 -1.97
C SER A 396 6.39 32.66 -3.35
N PHE A 397 7.28 32.12 -4.18
CA PHE A 397 6.90 31.63 -5.51
C PHE A 397 8.05 30.76 -6.03
N VAL A 398 7.94 30.35 -7.29
CA VAL A 398 8.94 29.51 -7.95
C VAL A 398 9.18 30.08 -9.34
N ILE A 399 10.45 30.11 -9.76
CA ILE A 399 10.86 30.67 -11.04
C ILE A 399 11.88 29.76 -11.69
N ARG A 400 12.34 30.14 -12.88
CA ARG A 400 13.34 29.38 -13.60
C ARG A 400 14.74 29.74 -13.09
N GLY A 401 15.67 28.79 -13.25
CA GLY A 401 16.99 28.95 -12.66
C GLY A 401 17.78 30.10 -13.25
N ASP A 402 17.81 30.21 -14.57
CA ASP A 402 18.65 31.21 -15.22
C ASP A 402 18.15 32.63 -15.00
N GLU A 403 16.92 32.80 -14.54
CA GLU A 403 16.31 34.12 -14.46
C GLU A 403 16.13 34.58 -13.01
N VAL A 404 16.73 33.87 -12.05
CA VAL A 404 16.63 34.28 -10.65
C VAL A 404 17.27 35.64 -10.41
N ARG A 405 18.23 36.04 -11.25
CA ARG A 405 18.85 37.36 -11.10
C ARG A 405 17.87 38.49 -11.37
N GLN A 406 16.77 38.22 -12.04
CA GLN A 406 15.81 39.25 -12.41
C GLN A 406 15.08 39.83 -11.21
N ILE A 407 15.07 39.14 -10.07
CA ILE A 407 14.35 39.62 -8.89
C ILE A 407 15.23 40.61 -8.14
N ALA A 408 15.16 41.87 -8.54
CA ALA A 408 15.90 42.98 -7.93
C ALA A 408 15.44 44.29 -8.54
N PRO A 409 15.47 45.39 -7.79
CA PRO A 409 15.11 46.68 -8.39
C PRO A 409 16.04 47.05 -9.54
N GLY A 410 15.47 47.67 -10.56
CA GLY A 410 16.23 48.09 -11.72
C GLY A 410 16.42 47.04 -12.79
N GLN A 411 15.93 45.82 -12.59
CA GLN A 411 16.04 44.77 -13.59
C GLN A 411 14.78 44.73 -14.45
N THR A 412 14.95 44.27 -15.68
CA THR A 412 13.88 44.19 -16.66
C THR A 412 13.76 42.76 -17.18
N GLY A 413 12.54 42.25 -17.20
CA GLY A 413 12.30 40.91 -17.68
C GLY A 413 10.82 40.57 -17.62
N ASN A 414 10.52 39.34 -18.07
CA ASN A 414 9.13 38.93 -18.20
C ASN A 414 8.41 38.93 -16.85
N ILE A 415 8.97 38.25 -15.86
CA ILE A 415 8.38 38.26 -14.53
C ILE A 415 8.50 39.64 -13.89
N ALA A 416 9.62 40.33 -14.12
CA ALA A 416 9.78 41.66 -13.55
C ALA A 416 8.75 42.63 -14.11
N ASP A 417 8.52 42.61 -15.43
CA ASP A 417 7.59 43.56 -16.03
C ASP A 417 6.13 43.16 -15.80
N TYR A 418 5.82 41.86 -15.84
CA TYR A 418 4.44 41.43 -15.91
C TYR A 418 3.95 40.67 -14.68
N ASN A 419 4.85 40.11 -13.87
CA ASN A 419 4.45 39.25 -12.77
C ASN A 419 4.80 39.82 -11.40
N TYR A 420 6.07 40.16 -11.17
CA TYR A 420 6.52 40.64 -9.86
C TYR A 420 7.57 41.70 -10.06
N LYS A 421 7.26 42.94 -9.68
CA LYS A 421 8.15 44.08 -9.86
C LYS A 421 8.53 44.64 -8.51
N LEU A 422 9.82 44.76 -8.25
CA LEU A 422 10.30 45.36 -7.01
C LEU A 422 10.40 46.88 -7.17
N PRO A 423 10.14 47.63 -6.10
CA PRO A 423 10.20 49.09 -6.19
C PRO A 423 11.63 49.59 -6.19
N ASP A 424 11.79 50.85 -6.59
CA ASP A 424 13.12 51.46 -6.59
C ASP A 424 13.67 51.57 -5.17
N ASP A 425 12.85 51.97 -4.21
CA ASP A 425 13.24 52.05 -2.81
C ASP A 425 12.81 50.79 -2.06
N PHE A 426 13.74 49.85 -1.92
CA PHE A 426 13.46 48.57 -1.28
C PHE A 426 14.44 48.34 -0.15
N THR A 427 13.92 47.85 0.98
CA THR A 427 14.72 47.52 2.16
C THR A 427 14.29 46.14 2.67
N GLY A 428 14.93 45.10 2.13
CA GLY A 428 14.57 43.74 2.50
C GLY A 428 15.53 42.76 1.85
N CYS A 429 15.27 41.49 2.10
CA CYS A 429 16.13 40.41 1.64
C CYS A 429 15.37 39.47 0.71
N VAL A 430 16.13 38.67 -0.03
CA VAL A 430 15.58 37.64 -0.91
C VAL A 430 16.33 36.34 -0.64
N ILE A 431 15.60 35.23 -0.68
CA ILE A 431 16.17 33.89 -0.46
C ILE A 431 15.74 33.01 -1.62
N ALA A 432 16.71 32.34 -2.24
CA ALA A 432 16.42 31.44 -3.35
C ALA A 432 17.17 30.14 -3.15
N TRP A 433 16.46 29.03 -3.31
CA TRP A 433 17.10 27.73 -3.13
C TRP A 433 16.59 26.76 -4.19
N ASN A 434 17.43 25.79 -4.53
CA ASN A 434 17.10 24.82 -5.55
C ASN A 434 16.05 23.83 -5.05
N SER A 435 15.17 23.40 -5.95
CA SER A 435 14.14 22.44 -5.64
C SER A 435 14.03 21.40 -6.74
N ASN A 436 15.18 20.96 -7.27
CA ASN A 436 15.18 19.95 -8.31
C ASN A 436 14.73 18.59 -7.78
N LYS A 437 14.81 18.35 -6.48
CA LYS A 437 14.36 17.11 -5.90
C LYS A 437 12.91 17.16 -5.42
N LEU A 438 12.23 18.28 -5.61
CA LEU A 438 10.83 18.41 -5.21
C LEU A 438 9.89 18.70 -6.37
N ASP A 439 10.22 19.64 -7.24
CA ASP A 439 9.30 20.11 -8.27
C ASP A 439 9.64 19.58 -9.66
N SER A 440 10.38 18.48 -9.75
CA SER A 440 10.76 17.88 -11.01
C SER A 440 9.93 16.64 -11.27
N LYS A 441 9.35 16.54 -12.47
CA LYS A 441 8.53 15.40 -12.86
C LYS A 441 9.14 14.73 -14.08
N VAL A 442 9.12 13.40 -14.09
CA VAL A 442 9.66 12.65 -15.22
C VAL A 442 8.87 12.95 -16.49
N SER A 443 7.55 12.92 -16.40
CA SER A 443 6.73 13.30 -17.54
C SER A 443 6.73 14.81 -17.73
N GLY A 444 6.68 15.57 -16.63
CA GLY A 444 6.72 17.01 -16.71
C GLY A 444 5.70 17.68 -15.79
N ASN A 445 6.18 18.58 -14.93
CA ASN A 445 5.29 19.31 -14.04
C ASN A 445 4.46 20.31 -14.84
N TYR A 446 3.20 20.46 -14.43
CA TYR A 446 2.31 21.44 -15.07
C TYR A 446 1.47 22.18 -14.04
N ASN A 447 1.96 22.27 -12.81
CA ASN A 447 1.28 23.02 -11.75
C ASN A 447 1.81 24.44 -11.60
N TYR A 448 2.81 24.82 -12.38
CA TYR A 448 3.44 26.12 -12.29
C TYR A 448 3.28 26.86 -13.60
N LEU A 449 2.75 28.09 -13.53
CA LEU A 449 2.46 28.89 -14.72
C LEU A 449 2.99 30.29 -14.53
N TYR A 450 3.33 30.94 -15.65
CA TYR A 450 3.77 32.33 -15.65
C TYR A 450 3.08 33.08 -16.77
N ARG A 451 2.91 34.38 -16.59
CA ARG A 451 2.36 35.22 -17.64
C ARG A 451 3.45 35.58 -18.66
N LEU A 452 3.05 35.66 -19.92
CA LEU A 452 3.99 35.85 -21.02
C LEU A 452 3.96 37.24 -21.63
N PHE A 453 2.79 37.88 -21.66
CA PHE A 453 2.66 39.19 -22.28
C PHE A 453 1.50 39.95 -21.66
N ARG A 454 1.62 41.27 -21.63
CA ARG A 454 0.58 42.13 -21.08
C ARG A 454 0.69 43.50 -21.75
N LYS A 455 -0.40 44.27 -21.64
CA LYS A 455 -0.46 45.56 -22.31
C LYS A 455 0.58 46.54 -21.76
N SER A 456 0.84 46.52 -20.46
CA SER A 456 1.71 47.49 -19.84
C SER A 456 2.42 46.87 -18.65
N ASN A 457 3.29 47.65 -18.02
CA ASN A 457 4.04 47.19 -16.87
C ASN A 457 3.15 47.19 -15.63
N LEU A 458 3.73 46.83 -14.49
CA LEU A 458 3.00 46.74 -13.23
C LEU A 458 3.66 47.61 -12.17
N LYS A 459 2.83 48.36 -11.45
CA LYS A 459 3.31 49.12 -10.31
C LYS A 459 3.69 48.14 -9.19
N PRO A 460 4.74 48.43 -8.43
CA PRO A 460 5.30 47.41 -7.52
C PRO A 460 4.29 46.90 -6.50
N PHE A 461 4.44 45.62 -6.16
CA PHE A 461 3.55 44.92 -5.22
C PHE A 461 2.11 44.89 -5.76
N GLU A 462 1.96 44.25 -6.91
CA GLU A 462 0.65 44.03 -7.52
C GLU A 462 0.59 42.60 -8.04
N ARG A 463 -0.57 41.97 -7.86
CA ARG A 463 -0.81 40.60 -8.31
C ARG A 463 -1.87 40.60 -9.40
N ASP A 464 -1.80 39.62 -10.28
CA ASP A 464 -2.74 39.48 -11.38
C ASP A 464 -3.31 38.06 -11.40
N ILE A 465 -4.61 37.97 -11.67
CA ILE A 465 -5.30 36.69 -11.78
C ILE A 465 -6.11 36.67 -13.07
N SER A 466 -5.87 37.65 -13.94
CA SER A 466 -6.61 37.75 -15.19
C SER A 466 -6.20 36.64 -16.14
N THR A 467 -7.19 36.03 -16.79
CA THR A 467 -6.95 34.97 -17.76
C THR A 467 -7.55 35.27 -19.13
N GLU A 468 -8.13 36.46 -19.33
CA GLU A 468 -8.73 36.80 -20.61
C GLU A 468 -7.68 36.97 -21.69
N ILE A 469 -8.08 36.67 -22.92
CA ILE A 469 -7.15 36.70 -24.05
C ILE A 469 -6.76 38.15 -24.37
N TYR A 470 -5.47 38.38 -24.53
CA TYR A 470 -4.96 39.64 -25.04
C TYR A 470 -4.77 39.50 -26.55
N GLN A 471 -5.53 40.28 -27.31
CA GLN A 471 -5.57 40.17 -28.76
C GLN A 471 -4.80 41.34 -29.38
N ALA A 472 -3.68 41.03 -30.02
CA ALA A 472 -2.90 42.06 -30.70
C ALA A 472 -3.41 42.34 -32.10
N GLY A 473 -4.26 41.48 -32.65
CA GLY A 473 -4.77 41.69 -33.99
C GLY A 473 -5.90 42.71 -34.02
N ASN A 474 -6.08 43.33 -35.18
CA ASN A 474 -7.16 44.30 -35.36
C ASN A 474 -8.52 43.61 -35.25
N LYS A 475 -8.66 42.44 -35.85
CA LYS A 475 -9.91 41.69 -35.74
C LYS A 475 -10.05 41.13 -34.32
N PRO A 476 -11.17 41.38 -33.64
CA PRO A 476 -11.32 40.88 -32.27
C PRO A 476 -11.50 39.38 -32.21
N CYS A 477 -10.50 38.67 -31.68
CA CYS A 477 -10.62 37.22 -31.52
C CYS A 477 -11.76 36.88 -30.56
N ASN A 478 -11.85 37.61 -29.44
CA ASN A 478 -12.92 37.44 -28.45
C ASN A 478 -12.95 36.01 -27.91
N GLY A 479 -11.85 35.62 -27.27
CA GLY A 479 -11.79 34.35 -26.58
C GLY A 479 -11.52 33.14 -27.45
N VAL A 480 -11.06 33.32 -28.69
CA VAL A 480 -10.74 32.22 -29.57
C VAL A 480 -9.22 32.18 -29.78
N ALA A 481 -8.77 31.14 -30.47
CA ALA A 481 -7.35 30.93 -30.75
C ALA A 481 -7.11 31.18 -32.24
N GLY A 482 -6.14 32.04 -32.53
CA GLY A 482 -5.80 32.34 -33.91
C GLY A 482 -4.57 33.20 -33.96
N PHE A 483 -4.05 33.40 -35.17
CA PHE A 483 -2.86 34.21 -35.33
C PHE A 483 -3.12 35.64 -34.87
N ASN A 484 -2.10 36.26 -34.28
CA ASN A 484 -2.10 37.58 -33.66
C ASN A 484 -2.85 37.57 -32.33
N CYS A 485 -3.35 36.42 -31.89
CA CYS A 485 -3.98 36.27 -30.58
C CYS A 485 -3.33 35.10 -29.86
N TYR A 486 -3.04 35.27 -28.57
CA TYR A 486 -2.39 34.22 -27.79
C TYR A 486 -3.00 34.17 -26.40
N PHE A 487 -2.96 32.98 -25.82
CA PHE A 487 -3.42 32.82 -24.44
C PHE A 487 -2.41 33.48 -23.51
N PRO A 488 -2.86 34.32 -22.57
CA PRO A 488 -1.89 35.10 -21.77
C PRO A 488 -0.95 34.25 -20.94
N LEU A 489 -1.40 33.10 -20.43
CA LEU A 489 -0.59 32.30 -19.53
C LEU A 489 0.19 31.24 -20.30
N ARG A 490 1.34 30.85 -19.76
CA ARG A 490 2.14 29.75 -20.26
C ARG A 490 2.51 28.87 -19.08
N SER A 491 2.64 27.57 -19.34
CA SER A 491 2.88 26.59 -18.30
C SER A 491 4.33 26.14 -18.30
N TYR A 492 4.94 26.15 -17.11
CA TYR A 492 6.27 25.57 -16.96
C TYR A 492 6.20 24.05 -17.13
N SER A 493 7.37 23.46 -17.38
CA SER A 493 7.48 22.01 -17.46
C SER A 493 8.91 21.64 -17.02
N PHE A 494 9.04 21.26 -15.75
CA PHE A 494 10.34 20.94 -15.17
C PHE A 494 10.61 19.45 -15.27
N ARG A 495 11.79 19.10 -15.79
CA ARG A 495 12.19 17.72 -15.99
C ARG A 495 13.56 17.48 -15.37
N PRO A 496 13.80 16.29 -14.83
CA PRO A 496 15.12 16.02 -14.23
C PRO A 496 16.27 16.05 -15.22
N THR A 497 16.01 15.92 -16.51
CA THR A 497 17.05 15.89 -17.52
C THR A 497 17.48 17.29 -17.97
N TYR A 498 16.84 18.34 -17.47
CA TYR A 498 17.25 19.70 -17.81
C TYR A 498 18.56 20.05 -17.13
N GLY A 499 19.24 21.05 -17.70
CA GLY A 499 20.44 21.57 -17.10
C GLY A 499 20.13 22.45 -15.90
N VAL A 500 21.19 22.88 -15.23
CA VAL A 500 21.04 23.71 -14.02
C VAL A 500 20.38 25.04 -14.38
N GLY A 501 20.50 25.47 -15.63
CA GLY A 501 19.92 26.75 -16.02
C GLY A 501 18.40 26.77 -15.96
N HIS A 502 17.76 25.69 -16.41
CA HIS A 502 16.31 25.64 -16.48
C HIS A 502 15.65 24.97 -15.29
N GLN A 503 16.42 24.53 -14.30
CA GLN A 503 15.84 23.89 -13.14
C GLN A 503 15.08 24.92 -12.29
N PRO A 504 14.00 24.50 -11.65
CA PRO A 504 13.20 25.44 -10.86
C PRO A 504 13.92 25.88 -9.60
N TYR A 505 13.56 27.08 -9.13
CA TYR A 505 14.12 27.68 -7.94
C TYR A 505 13.00 28.27 -7.10
N ARG A 506 12.99 27.95 -5.81
CA ARG A 506 12.00 28.49 -4.88
C ARG A 506 12.53 29.78 -4.28
N VAL A 507 11.72 30.84 -4.33
CA VAL A 507 12.13 32.17 -3.91
C VAL A 507 11.15 32.70 -2.88
N VAL A 508 11.70 33.23 -1.79
CA VAL A 508 10.93 33.90 -0.74
C VAL A 508 11.56 35.25 -0.47
N VAL A 509 10.77 36.31 -0.57
CA VAL A 509 11.26 37.67 -0.37
C VAL A 509 10.68 38.21 0.94
N LEU A 510 11.52 38.85 1.73
CA LEU A 510 11.13 39.49 2.98
C LEU A 510 11.28 40.99 2.82
N SER A 511 10.19 41.72 3.01
CA SER A 511 10.16 43.17 2.84
C SER A 511 9.91 43.82 4.19
N PHE A 512 10.78 44.76 4.56
CA PHE A 512 10.72 45.38 5.87
C PHE A 512 10.37 46.86 5.74
N GLU A 513 10.04 47.48 6.88
CA GLU A 513 9.95 48.92 6.99
C GLU A 513 10.50 49.32 8.36
N LEU A 514 11.33 50.35 8.37
CA LEU A 514 12.10 50.72 9.56
C LEU A 514 11.60 52.02 10.17
N LEU A 515 10.28 52.21 10.17
CA LEU A 515 9.70 53.39 10.81
C LEU A 515 9.83 53.31 12.33
N HIS A 516 9.94 52.10 12.88
CA HIS A 516 10.31 51.82 14.27
C HIS A 516 9.47 52.58 15.30
N ALA A 517 8.20 52.84 14.99
CA ALA A 517 7.32 53.40 16.01
C ALA A 517 6.82 52.33 16.99
N PRO A 518 6.18 51.23 16.51
CA PRO A 518 5.62 50.27 17.47
C PRO A 518 6.65 49.30 18.04
N ALA A 519 7.61 48.88 17.22
CA ALA A 519 8.65 47.92 17.61
C ALA A 519 8.01 46.66 18.20
N THR A 520 7.30 45.94 17.33
CA THR A 520 6.47 44.81 17.73
C THR A 520 7.10 43.46 17.44
N VAL A 521 7.75 43.30 16.28
CA VAL A 521 8.03 41.98 15.75
C VAL A 521 9.53 41.73 15.62
N CYS A 522 10.33 42.29 16.52
CA CYS A 522 11.77 42.16 16.40
C CYS A 522 12.31 41.00 17.23
N GLY A 523 13.57 40.67 16.96
CA GLY A 523 14.19 39.47 17.46
C GLY A 523 14.58 39.55 18.92
N PRO A 524 15.40 38.59 19.36
CA PRO A 524 15.67 38.46 20.80
C PRO A 524 16.70 39.45 21.29
N LYS A 525 16.41 40.02 22.47
CA LYS A 525 17.35 40.86 23.19
C LYS A 525 16.99 40.81 24.66
N LYS A 526 17.98 41.07 25.50
CA LYS A 526 17.83 40.92 26.94
C LYS A 526 17.54 42.27 27.59
N SER A 527 17.07 42.20 28.84
CA SER A 527 16.71 43.37 29.63
C SER A 527 15.70 44.24 28.91
N GLU B 1 -2.88 12.44 15.57
CA GLU B 1 -2.75 11.20 14.81
C GLU B 1 -3.54 11.28 13.51
N VAL B 2 -2.97 10.73 12.44
CA VAL B 2 -3.62 10.69 11.14
C VAL B 2 -4.36 9.36 11.02
N GLN B 3 -5.64 9.42 10.68
CA GLN B 3 -6.48 8.22 10.59
C GLN B 3 -7.30 8.27 9.32
N LEU B 4 -7.41 7.12 8.66
CA LEU B 4 -8.26 6.95 7.48
C LEU B 4 -9.19 5.78 7.74
N VAL B 5 -10.48 5.97 7.45
CA VAL B 5 -11.52 4.98 7.70
C VAL B 5 -12.23 4.67 6.40
N GLU B 6 -12.38 3.38 6.11
CA GLU B 6 -13.09 2.90 4.93
C GLU B 6 -14.47 2.39 5.30
N SER B 7 -15.44 2.64 4.43
CA SER B 7 -16.81 2.21 4.67
C SER B 7 -17.50 1.97 3.34
N GLY B 8 -18.60 1.21 3.40
CA GLY B 8 -19.40 0.92 2.23
C GLY B 8 -19.18 -0.44 1.61
N GLY B 9 -18.20 -1.21 2.10
CA GLY B 9 -17.92 -2.51 1.54
C GLY B 9 -18.94 -3.56 1.96
N GLY B 10 -18.82 -4.73 1.35
CA GLY B 10 -19.73 -5.82 1.64
C GLY B 10 -19.83 -6.76 0.44
N LEU B 11 -21.01 -7.34 0.28
CA LEU B 11 -21.29 -8.32 -0.75
C LEU B 11 -22.27 -7.75 -1.77
N VAL B 12 -21.96 -7.94 -3.05
CA VAL B 12 -22.82 -7.50 -4.15
C VAL B 12 -22.81 -8.60 -5.21
N GLN B 13 -23.53 -8.34 -6.32
CA GLN B 13 -23.65 -9.26 -7.43
C GLN B 13 -23.23 -8.59 -8.73
N PRO B 14 -22.80 -9.37 -9.73
CA PRO B 14 -22.32 -8.76 -10.96
C PRO B 14 -23.38 -7.93 -11.66
N GLY B 15 -22.94 -6.85 -12.29
CA GLY B 15 -23.83 -5.96 -13.01
C GLY B 15 -24.39 -4.81 -12.19
N ARG B 16 -24.08 -4.73 -10.90
CA ARG B 16 -24.59 -3.69 -10.04
C ARG B 16 -23.46 -2.78 -9.56
N SER B 17 -23.81 -1.56 -9.21
CA SER B 17 -22.84 -0.55 -8.81
C SER B 17 -22.65 -0.58 -7.30
N LEU B 18 -21.66 0.19 -6.82
CA LEU B 18 -21.41 0.31 -5.39
C LEU B 18 -20.63 1.59 -5.16
N ARG B 19 -20.68 2.08 -3.92
CA ARG B 19 -19.95 3.29 -3.54
C ARG B 19 -19.27 3.06 -2.19
N LEU B 20 -18.17 3.78 -1.98
CA LEU B 20 -17.38 3.67 -0.76
C LEU B 20 -17.18 5.06 -0.19
N SER B 21 -16.49 5.14 0.94
CA SER B 21 -16.19 6.41 1.59
C SER B 21 -14.94 6.27 2.44
N CYS B 22 -13.94 7.07 2.14
CA CYS B 22 -12.67 7.06 2.86
C CYS B 22 -12.56 8.37 3.63
N ALA B 23 -13.02 8.35 4.89
CA ALA B 23 -12.92 9.52 5.74
C ALA B 23 -11.50 9.68 6.26
N ALA B 24 -11.06 10.93 6.35
CA ALA B 24 -9.69 11.24 6.74
C ALA B 24 -9.69 12.23 7.91
N SER B 25 -8.68 12.10 8.76
CA SER B 25 -8.54 12.99 9.90
C SER B 25 -7.07 13.06 10.31
N GLY B 26 -6.71 14.14 11.00
CA GLY B 26 -5.38 14.30 11.54
C GLY B 26 -4.38 15.01 10.66
N PHE B 27 -4.76 15.37 9.43
CA PHE B 27 -3.84 16.08 8.55
C PHE B 27 -4.64 16.97 7.61
N ARG B 28 -3.96 17.96 7.04
CA ARG B 28 -4.59 18.84 6.06
C ARG B 28 -4.89 18.06 4.78
N PHE B 29 -6.17 18.01 4.41
CA PHE B 29 -6.60 17.15 3.31
C PHE B 29 -6.19 17.74 1.96
N ASP B 30 -6.03 19.06 1.88
CA ASP B 30 -5.88 19.76 0.61
C ASP B 30 -4.44 19.85 0.13
N ASP B 31 -3.49 19.25 0.84
CA ASP B 31 -2.08 19.29 0.45
C ASP B 31 -1.47 17.90 0.43
N TYR B 32 -2.22 16.92 -0.06
CA TYR B 32 -1.73 15.54 -0.13
C TYR B 32 -2.52 14.80 -1.20
N ALA B 33 -1.82 13.97 -1.98
CA ALA B 33 -2.47 13.13 -2.96
C ALA B 33 -2.89 11.81 -2.33
N LEU B 34 -3.97 11.23 -2.85
CA LEU B 34 -4.54 10.01 -2.29
C LEU B 34 -4.68 8.95 -3.37
N HIS B 35 -4.68 7.70 -2.94
CA HIS B 35 -4.76 6.56 -3.85
C HIS B 35 -5.66 5.48 -3.27
N TRP B 36 -6.21 4.67 -4.16
CA TRP B 36 -6.98 3.48 -3.80
C TRP B 36 -6.24 2.25 -4.28
N VAL B 37 -6.00 1.30 -3.37
CA VAL B 37 -5.27 0.08 -3.66
C VAL B 37 -6.16 -1.09 -3.28
N ARG B 38 -5.97 -2.24 -3.95
CA ARG B 38 -6.72 -3.44 -3.62
C ARG B 38 -5.76 -4.62 -3.50
N GLN B 39 -6.17 -5.59 -2.69
CA GLN B 39 -5.34 -6.77 -2.43
C GLN B 39 -6.22 -8.00 -2.46
N ALA B 40 -5.91 -8.94 -3.34
CA ALA B 40 -6.58 -10.23 -3.36
C ALA B 40 -6.04 -11.10 -2.23
N PRO B 41 -6.82 -12.07 -1.76
CA PRO B 41 -6.35 -12.94 -0.67
C PRO B 41 -5.21 -13.82 -1.13
N GLU B 42 -4.07 -13.71 -0.43
CA GLU B 42 -2.88 -14.52 -0.69
C GLU B 42 -2.40 -14.37 -2.13
N LYS B 43 -2.46 -13.13 -2.65
CA LYS B 43 -2.03 -12.87 -4.02
C LYS B 43 -1.24 -11.57 -4.13
N GLY B 44 -0.53 -11.19 -3.08
CA GLY B 44 0.28 -9.99 -3.14
C GLY B 44 -0.58 -8.74 -3.12
N LEU B 45 -0.16 -7.73 -3.88
CA LEU B 45 -0.84 -6.44 -3.92
C LEU B 45 -1.01 -6.00 -5.36
N GLU B 46 -1.89 -5.02 -5.56
CA GLU B 46 -2.18 -4.52 -6.89
C GLU B 46 -2.76 -3.11 -6.78
N TRP B 47 -2.36 -2.24 -7.71
CA TRP B 47 -2.80 -0.84 -7.68
C TRP B 47 -4.09 -0.65 -8.44
N VAL B 48 -4.90 0.27 -7.97
CA VAL B 48 -6.19 0.50 -8.60
C VAL B 48 -6.27 1.91 -9.17
N SER B 49 -6.14 2.93 -8.32
CA SER B 49 -6.37 4.29 -8.82
C SER B 49 -5.64 5.30 -7.97
N GLY B 50 -5.50 6.51 -8.50
CA GLY B 50 -4.88 7.60 -7.78
C GLY B 50 -5.35 8.93 -8.31
N ILE B 51 -5.28 9.96 -7.46
CA ILE B 51 -5.71 11.30 -7.80
C ILE B 51 -4.63 12.29 -7.36
N SER B 52 -4.69 13.50 -7.92
CA SER B 52 -3.74 14.57 -7.63
C SER B 52 -4.30 15.47 -6.54
N TRP B 53 -3.59 16.57 -6.27
CA TRP B 53 -3.99 17.46 -5.18
C TRP B 53 -5.21 18.28 -5.57
N ASN B 54 -5.29 18.74 -6.83
CA ASN B 54 -6.38 19.56 -7.30
C ASN B 54 -7.27 18.85 -8.30
N SER B 55 -7.21 17.52 -8.35
CA SER B 55 -8.01 16.70 -9.26
C SER B 55 -7.75 17.10 -10.73
N ASN B 56 -6.47 17.02 -11.10
CA ASN B 56 -6.05 17.31 -12.46
C ASN B 56 -5.30 16.18 -13.13
N ASN B 57 -4.68 15.28 -12.37
CA ASN B 57 -3.94 14.15 -12.91
C ASN B 57 -4.51 12.87 -12.30
N ILE B 58 -5.19 12.08 -13.11
CA ILE B 58 -5.83 10.85 -12.66
C ILE B 58 -5.36 9.71 -13.57
N GLY B 59 -4.96 8.60 -12.97
CA GLY B 59 -4.52 7.45 -13.72
C GLY B 59 -5.16 6.15 -13.27
N TYR B 60 -5.51 5.30 -14.22
CA TYR B 60 -6.15 4.02 -13.94
C TYR B 60 -5.34 2.88 -14.55
N ALA B 61 -5.51 1.69 -13.99
CA ALA B 61 -4.93 0.50 -14.59
C ALA B 61 -5.72 0.09 -15.83
N GLU B 62 -5.06 -0.57 -16.76
CA GLU B 62 -5.74 -0.93 -18.02
C GLU B 62 -6.94 -1.81 -17.66
N SER B 63 -6.67 -2.89 -16.92
CA SER B 63 -7.74 -3.83 -16.64
C SER B 63 -8.86 -3.20 -15.83
N VAL B 64 -8.66 -1.99 -15.31
CA VAL B 64 -9.64 -1.33 -14.46
C VAL B 64 -10.15 -0.03 -15.07
N LYS B 65 -9.46 0.52 -16.07
CA LYS B 65 -9.83 1.80 -16.64
C LYS B 65 -11.21 1.74 -17.31
N GLY B 66 -11.92 2.86 -17.25
CA GLY B 66 -13.20 2.99 -17.91
C GLY B 66 -14.37 2.40 -17.17
N ARG B 67 -14.20 1.98 -15.91
CA ARG B 67 -15.27 1.35 -15.16
C ARG B 67 -15.56 1.99 -13.81
N PHE B 68 -14.57 2.64 -13.18
CA PHE B 68 -14.76 3.19 -11.85
C PHE B 68 -14.46 4.69 -11.87
N THR B 69 -14.94 5.39 -10.85
CA THR B 69 -14.82 6.85 -10.80
C THR B 69 -14.28 7.26 -9.44
N ILE B 70 -13.12 7.91 -9.43
CA ILE B 70 -12.55 8.45 -8.22
C ILE B 70 -12.95 9.92 -8.08
N SER B 71 -13.29 10.33 -6.86
CA SER B 71 -13.73 11.70 -6.64
C SER B 71 -13.42 12.11 -5.21
N ARG B 72 -12.75 13.24 -5.05
CA ARG B 72 -12.39 13.75 -3.74
C ARG B 72 -13.15 15.04 -3.44
N ASP B 73 -13.65 15.15 -2.22
CA ASP B 73 -14.37 16.34 -1.77
C ASP B 73 -13.69 16.87 -0.52
N THR B 74 -13.25 18.13 -0.58
CA THR B 74 -12.58 18.75 0.56
C THR B 74 -13.55 19.32 1.58
N ALA B 75 -14.82 19.50 1.18
CA ALA B 75 -15.80 20.04 2.11
C ALA B 75 -16.04 19.09 3.27
N LYS B 76 -16.20 17.80 2.98
CA LYS B 76 -16.44 16.78 4.00
C LYS B 76 -15.22 15.95 4.30
N LYS B 77 -14.07 16.28 3.73
CA LYS B 77 -12.84 15.50 3.89
C LYS B 77 -13.06 14.04 3.51
N SER B 78 -13.50 13.83 2.27
CA SER B 78 -13.93 12.50 1.83
C SER B 78 -13.34 12.15 0.49
N LEU B 79 -13.16 10.85 0.27
CA LEU B 79 -12.72 10.30 -1.00
C LEU B 79 -13.65 9.13 -1.36
N TYR B 80 -14.17 9.13 -2.58
CA TYR B 80 -15.15 8.17 -3.02
C TYR B 80 -14.66 7.45 -4.27
N LEU B 81 -14.87 6.13 -4.32
CA LEU B 81 -14.52 5.30 -5.45
C LEU B 81 -15.80 4.62 -5.93
N GLN B 82 -16.54 5.30 -6.80
CA GLN B 82 -17.78 4.76 -7.34
C GLN B 82 -17.48 3.59 -8.26
N MET B 83 -18.25 2.51 -8.09
CA MET B 83 -18.03 1.22 -8.72
C MET B 83 -19.07 0.99 -9.81
N ASN B 84 -18.69 0.22 -10.83
CA ASN B 84 -19.60 -0.12 -11.92
C ASN B 84 -19.18 -1.44 -12.56
N ASP B 85 -20.18 -2.25 -12.92
CA ASP B 85 -20.01 -3.48 -13.70
C ASP B 85 -18.98 -4.38 -13.01
N LEU B 86 -19.38 -4.89 -11.86
CA LEU B 86 -18.52 -5.73 -11.04
C LEU B 86 -18.46 -7.15 -11.56
N ARG B 87 -17.31 -7.80 -11.35
CA ARG B 87 -17.18 -9.24 -11.57
C ARG B 87 -16.51 -9.89 -10.36
N ALA B 88 -16.32 -11.21 -10.43
CA ALA B 88 -15.71 -11.93 -9.31
C ALA B 88 -14.24 -11.57 -9.14
N GLU B 89 -13.60 -11.05 -10.19
CA GLU B 89 -12.19 -10.72 -10.10
C GLU B 89 -11.94 -9.59 -9.11
N ASP B 90 -12.93 -8.74 -8.87
CA ASP B 90 -12.75 -7.58 -8.02
C ASP B 90 -12.96 -7.88 -6.54
N THR B 91 -13.27 -9.12 -6.17
CA THR B 91 -13.42 -9.50 -4.77
C THR B 91 -12.06 -9.40 -4.09
N ALA B 92 -11.91 -8.46 -3.17
CA ALA B 92 -10.61 -8.19 -2.54
C ALA B 92 -10.81 -7.27 -1.34
N LEU B 93 -9.70 -6.96 -0.68
CA LEU B 93 -9.67 -6.01 0.42
C LEU B 93 -9.13 -4.68 -0.11
N TYR B 94 -9.83 -3.60 0.20
CA TYR B 94 -9.54 -2.29 -0.37
C TYR B 94 -8.91 -1.39 0.69
N TYR B 95 -7.78 -0.78 0.34
CA TYR B 95 -7.08 0.17 1.18
C TYR B 95 -7.16 1.57 0.57
N CYS B 96 -7.33 2.57 1.42
CA CYS B 96 -7.26 3.97 1.05
C CYS B 96 -5.99 4.56 1.63
N VAL B 97 -5.08 5.03 0.76
CA VAL B 97 -3.76 5.45 1.21
C VAL B 97 -3.53 6.91 0.82
N LYS B 98 -2.61 7.54 1.52
CA LYS B 98 -2.31 8.96 1.36
C LYS B 98 -0.85 9.13 0.96
N ASP B 99 -0.62 9.71 -0.22
CA ASP B 99 0.72 9.93 -0.72
C ASP B 99 1.29 11.13 0.05
N ARG B 100 2.61 11.34 -0.05
CA ARG B 100 3.28 12.28 0.85
C ARG B 100 3.71 13.59 0.21
N HIS B 101 3.58 13.75 -1.10
CA HIS B 101 4.10 14.97 -1.72
C HIS B 101 3.12 15.52 -2.74
N TYR B 102 1.84 15.57 -2.37
CA TYR B 102 0.78 16.33 -3.03
C TYR B 102 0.60 16.01 -4.51
N ASP B 103 1.30 15.01 -5.04
CA ASP B 103 1.15 14.69 -6.45
C ASP B 103 1.31 13.20 -6.66
N SER B 104 0.81 12.73 -7.79
CA SER B 104 0.61 11.31 -8.04
C SER B 104 1.91 10.51 -8.02
N SER B 105 2.79 10.75 -8.98
CA SER B 105 4.04 10.00 -9.08
C SER B 105 4.96 10.65 -10.09
N GLY B 106 6.20 10.17 -10.11
CA GLY B 106 7.23 10.69 -10.98
C GLY B 106 8.22 11.60 -10.26
N TYR B 107 7.82 12.15 -9.12
CA TYR B 107 8.71 13.03 -8.37
C TYR B 107 9.76 12.21 -7.62
N PHE B 108 10.81 12.90 -7.18
CA PHE B 108 11.87 12.22 -6.44
C PHE B 108 11.36 11.66 -5.12
N VAL B 109 10.55 12.43 -4.40
CA VAL B 109 10.03 12.01 -3.11
C VAL B 109 8.59 11.56 -3.31
N ASN B 110 8.36 10.26 -3.09
CA ASN B 110 7.02 9.68 -3.17
C ASN B 110 6.98 8.43 -2.31
N GLY B 111 5.79 8.10 -1.82
CA GLY B 111 5.62 6.93 -0.98
C GLY B 111 4.28 6.88 -0.29
N PHE B 112 3.73 5.67 -0.13
CA PHE B 112 2.45 5.49 0.53
C PHE B 112 2.71 5.37 2.03
N ASP B 113 2.48 6.45 2.78
CA ASP B 113 2.81 6.48 4.19
C ASP B 113 1.76 5.79 5.06
N ILE B 114 0.53 6.31 5.04
CA ILE B 114 -0.52 5.87 5.96
C ILE B 114 -1.51 5.03 5.17
N TRP B 115 -1.74 3.80 5.64
CA TRP B 115 -2.64 2.86 5.01
C TRP B 115 -3.83 2.61 5.93
N GLY B 116 -5.04 2.75 5.39
CA GLY B 116 -6.22 2.41 6.15
C GLY B 116 -6.37 0.92 6.33
N GLN B 117 -7.23 0.53 7.27
CA GLN B 117 -7.46 -0.87 7.53
C GLN B 117 -8.15 -1.58 6.38
N GLY B 118 -8.83 -0.85 5.52
CA GLY B 118 -9.44 -1.41 4.34
C GLY B 118 -10.77 -2.09 4.64
N THR B 119 -11.52 -2.36 3.57
CA THR B 119 -12.81 -3.01 3.67
C THR B 119 -12.90 -4.15 2.67
N LEU B 120 -13.71 -5.16 3.00
CA LEU B 120 -13.85 -6.34 2.16
C LEU B 120 -14.98 -6.14 1.17
N VAL B 121 -14.71 -6.43 -0.11
CA VAL B 121 -15.72 -6.35 -1.15
C VAL B 121 -15.73 -7.67 -1.90
N THR B 122 -16.89 -8.32 -1.95
CA THR B 122 -17.03 -9.58 -2.65
C THR B 122 -18.17 -9.53 -3.65
N VAL B 123 -17.94 -10.13 -4.81
CA VAL B 123 -18.98 -10.08 -5.88
C VAL B 123 -19.22 -11.53 -6.24
N SER B 124 -20.47 -11.94 -6.40
CA SER B 124 -20.70 -13.39 -6.61
C SER B 124 -22.03 -13.66 -7.30
N ALA B 125 -22.21 -14.87 -7.84
CA ALA B 125 -23.48 -15.26 -8.48
C ALA B 125 -24.25 -16.26 -7.60
N ALA B 126 -23.88 -16.37 -6.33
CA ALA B 126 -24.52 -17.38 -5.47
C ALA B 126 -25.12 -16.71 -4.22
N SER B 127 -25.87 -17.49 -3.44
CA SER B 127 -26.69 -16.97 -2.30
C SER B 127 -26.41 -17.77 -1.02
N THR B 128 -26.75 -17.23 0.17
CA THR B 128 -26.44 -17.89 1.47
C THR B 128 -27.14 -19.25 1.58
N LYS B 129 -26.48 -20.26 2.18
CA LYS B 129 -27.10 -21.60 2.36
C LYS B 129 -26.70 -22.22 3.68
N GLY B 130 -27.19 -23.44 3.98
CA GLY B 130 -26.78 -24.16 5.17
C GLY B 130 -25.67 -25.14 4.88
N PRO B 131 -24.73 -25.27 5.81
CA PRO B 131 -23.61 -26.18 5.61
C PRO B 131 -23.97 -27.62 5.91
N SER B 132 -23.28 -28.53 5.23
CA SER B 132 -23.42 -29.96 5.44
C SER B 132 -22.15 -30.49 6.10
N VAL B 133 -22.32 -31.27 7.16
CA VAL B 133 -21.19 -31.76 7.96
C VAL B 133 -21.14 -33.27 7.84
N PHE B 134 -20.01 -33.79 7.40
CA PHE B 134 -19.72 -35.22 7.37
C PHE B 134 -18.51 -35.49 8.25
N PRO B 135 -18.67 -36.21 9.35
CA PRO B 135 -17.56 -36.42 10.29
C PRO B 135 -16.47 -37.31 9.69
N LEU B 136 -15.24 -37.06 10.15
CA LEU B 136 -14.09 -37.87 9.76
C LEU B 136 -13.85 -38.90 10.85
N ALA B 137 -14.49 -40.05 10.69
CA ALA B 137 -14.37 -41.11 11.69
C ALA B 137 -12.95 -41.68 11.68
N PRO B 138 -12.27 -41.73 12.81
CA PRO B 138 -10.94 -42.33 12.85
C PRO B 138 -11.01 -43.83 12.64
N SER B 139 -9.92 -44.38 12.09
CA SER B 139 -9.83 -45.80 11.81
C SER B 139 -8.42 -46.28 12.17
N SER B 140 -8.14 -47.55 11.90
CA SER B 140 -6.82 -48.09 12.18
C SER B 140 -5.73 -47.46 11.33
N LYS B 141 -6.07 -46.91 10.17
CA LYS B 141 -5.12 -46.25 9.31
C LYS B 141 -4.91 -44.78 9.67
N SER B 142 -5.74 -44.23 10.55
CA SER B 142 -5.62 -42.84 10.98
C SER B 142 -4.85 -42.69 12.28
N THR B 143 -4.34 -43.79 12.84
CA THR B 143 -3.62 -43.76 14.11
C THR B 143 -2.20 -44.28 13.90
N SER B 144 -1.26 -43.73 14.65
CA SER B 144 0.13 -44.15 14.58
C SER B 144 0.83 -43.78 15.89
N GLY B 145 1.56 -44.74 16.46
CA GLY B 145 2.28 -44.49 17.70
C GLY B 145 1.38 -44.18 18.88
N GLY B 146 0.20 -44.79 18.92
CA GLY B 146 -0.73 -44.57 20.00
C GLY B 146 -1.57 -43.32 19.89
N THR B 147 -1.38 -42.52 18.85
CA THR B 147 -2.13 -41.28 18.65
C THR B 147 -2.93 -41.37 17.36
N ALA B 148 -4.21 -41.03 17.43
CA ALA B 148 -5.11 -41.10 16.29
C ALA B 148 -5.49 -39.70 15.83
N ALA B 149 -5.87 -39.59 14.56
CA ALA B 149 -6.29 -38.33 13.97
C ALA B 149 -7.76 -38.41 13.58
N LEU B 150 -8.51 -37.36 13.89
CA LEU B 150 -9.92 -37.31 13.57
C LEU B 150 -10.34 -35.86 13.37
N GLY B 151 -11.45 -35.67 12.68
CA GLY B 151 -11.91 -34.32 12.39
C GLY B 151 -13.32 -34.31 11.85
N CYS B 152 -13.70 -33.14 11.34
CA CYS B 152 -15.02 -32.92 10.76
C CYS B 152 -14.88 -32.22 9.42
N LEU B 153 -15.78 -32.54 8.49
CA LEU B 153 -15.81 -31.94 7.16
C LEU B 153 -17.09 -31.13 7.02
N VAL B 154 -16.95 -29.81 6.93
CA VAL B 154 -18.07 -28.90 6.69
C VAL B 154 -17.91 -28.34 5.29
N LYS B 155 -19.01 -28.36 4.52
CA LYS B 155 -18.95 -28.04 3.10
C LYS B 155 -20.13 -27.17 2.69
N ASP B 156 -19.93 -26.41 1.62
CA ASP B 156 -20.97 -25.68 0.90
C ASP B 156 -21.61 -24.58 1.73
N TYR B 157 -20.88 -23.96 2.65
CA TYR B 157 -21.35 -22.77 3.34
C TYR B 157 -20.82 -21.55 2.60
N PHE B 158 -21.71 -20.86 1.89
CA PHE B 158 -21.29 -19.80 0.97
C PHE B 158 -20.94 -18.47 1.63
N PRO B 159 -21.86 -17.84 2.40
CA PRO B 159 -21.73 -16.40 2.66
C PRO B 159 -20.47 -15.97 3.38
N GLU B 160 -20.21 -16.52 4.56
CA GLU B 160 -19.12 -16.06 5.41
C GLU B 160 -18.36 -17.25 5.95
N PRO B 161 -17.10 -17.06 6.34
CA PRO B 161 -16.34 -18.18 6.92
C PRO B 161 -16.92 -18.60 8.26
N VAL B 162 -16.75 -19.89 8.57
CA VAL B 162 -17.38 -20.51 9.72
C VAL B 162 -16.31 -20.74 10.80
N THR B 163 -16.79 -20.88 12.04
CA THR B 163 -15.95 -21.15 13.19
C THR B 163 -16.32 -22.50 13.78
N VAL B 164 -15.32 -23.25 14.25
CA VAL B 164 -15.51 -24.59 14.78
C VAL B 164 -14.84 -24.69 16.14
N SER B 165 -15.48 -25.40 17.06
CA SER B 165 -14.93 -25.64 18.38
C SER B 165 -15.07 -27.13 18.73
N TRP B 166 -14.10 -27.63 19.49
CA TRP B 166 -14.04 -29.03 19.88
C TRP B 166 -14.35 -29.17 21.37
N ASN B 167 -15.30 -30.06 21.68
CA ASN B 167 -15.73 -30.31 23.06
C ASN B 167 -16.15 -29.01 23.75
N SER B 168 -16.86 -28.16 22.99
CA SER B 168 -17.30 -26.85 23.48
C SER B 168 -16.13 -26.02 23.97
N GLY B 169 -15.01 -26.10 23.25
CA GLY B 169 -13.81 -25.37 23.60
C GLY B 169 -12.90 -26.05 24.60
N ALA B 170 -13.28 -27.22 25.11
CA ALA B 170 -12.43 -27.91 26.08
C ALA B 170 -11.17 -28.45 25.43
N LEU B 171 -11.28 -28.99 24.21
CA LEU B 171 -10.15 -29.56 23.49
C LEU B 171 -9.61 -28.50 22.53
N THR B 172 -8.46 -27.93 22.87
CA THR B 172 -7.82 -26.92 22.05
C THR B 172 -6.41 -27.31 21.60
N SER B 173 -5.66 -28.04 22.41
CA SER B 173 -4.32 -28.45 22.04
C SER B 173 -4.38 -29.51 20.93
N GLY B 174 -3.46 -29.41 19.97
CA GLY B 174 -3.43 -30.35 18.88
C GLY B 174 -4.53 -30.18 17.86
N VAL B 175 -5.13 -28.99 17.77
CA VAL B 175 -6.21 -28.72 16.83
C VAL B 175 -5.67 -27.86 15.70
N HIS B 176 -5.97 -28.26 14.47
CA HIS B 176 -5.56 -27.51 13.28
C HIS B 176 -6.77 -27.36 12.37
N THR B 177 -7.17 -26.11 12.11
CA THR B 177 -8.28 -25.81 11.21
C THR B 177 -7.70 -25.14 9.98
N PHE B 178 -7.82 -25.81 8.83
CA PHE B 178 -7.27 -25.28 7.60
C PHE B 178 -8.10 -24.09 7.11
N PRO B 179 -7.47 -23.14 6.42
CA PRO B 179 -8.22 -21.98 5.91
C PRO B 179 -9.27 -22.41 4.90
N ALA B 180 -10.36 -21.64 4.86
CA ALA B 180 -11.45 -21.94 3.94
C ALA B 180 -11.00 -21.78 2.49
N VAL B 181 -11.46 -22.68 1.63
CA VAL B 181 -11.11 -22.67 0.22
C VAL B 181 -12.39 -22.51 -0.59
N LEU B 182 -12.23 -22.05 -1.83
CA LEU B 182 -13.35 -21.83 -2.74
C LEU B 182 -13.43 -22.99 -3.72
N GLN B 183 -14.46 -23.81 -3.58
CA GLN B 183 -14.67 -24.91 -4.50
C GLN B 183 -15.05 -24.37 -5.88
N SER B 184 -14.74 -25.15 -6.91
CA SER B 184 -14.98 -24.72 -8.28
C SER B 184 -16.45 -24.38 -8.51
N SER B 185 -17.36 -25.03 -7.79
CA SER B 185 -18.78 -24.74 -7.93
C SER B 185 -19.17 -23.37 -7.37
N GLY B 186 -18.28 -22.73 -6.62
CA GLY B 186 -18.56 -21.43 -6.04
C GLY B 186 -18.97 -21.42 -4.58
N LEU B 187 -18.84 -22.54 -3.89
CA LEU B 187 -19.19 -22.64 -2.48
C LEU B 187 -17.95 -22.92 -1.65
N TYR B 188 -17.90 -22.33 -0.45
CA TYR B 188 -16.76 -22.46 0.43
C TYR B 188 -16.85 -23.74 1.25
N SER B 189 -15.68 -24.24 1.66
CA SER B 189 -15.60 -25.46 2.45
C SER B 189 -14.21 -25.53 3.08
N LEU B 190 -14.16 -26.13 4.28
CA LEU B 190 -12.88 -26.40 4.92
C LEU B 190 -13.00 -27.64 5.78
N SER B 191 -11.88 -28.05 6.35
CA SER B 191 -11.83 -29.20 7.25
C SER B 191 -11.03 -28.82 8.50
N SER B 192 -11.48 -29.32 9.65
CA SER B 192 -10.79 -29.12 10.92
C SER B 192 -10.58 -30.48 11.56
N VAL B 193 -9.32 -30.80 11.90
CA VAL B 193 -8.97 -32.09 12.46
C VAL B 193 -8.16 -31.89 13.72
N VAL B 194 -8.15 -32.91 14.56
CA VAL B 194 -7.45 -32.89 15.84
C VAL B 194 -6.83 -34.26 16.08
N THR B 195 -5.61 -34.27 16.61
CA THR B 195 -4.90 -35.49 16.93
C THR B 195 -5.00 -35.77 18.43
N VAL B 196 -5.45 -36.97 18.77
CA VAL B 196 -5.65 -37.37 20.16
C VAL B 196 -5.07 -38.77 20.35
N PRO B 197 -4.44 -39.07 21.49
CA PRO B 197 -3.92 -40.42 21.69
C PRO B 197 -5.03 -41.47 21.66
N SER B 198 -4.69 -42.64 21.10
CA SER B 198 -5.68 -43.69 20.90
C SER B 198 -6.16 -44.30 22.20
N SER B 199 -5.48 -44.05 23.32
CA SER B 199 -5.91 -44.59 24.60
C SER B 199 -7.28 -44.06 25.00
N SER B 200 -7.61 -42.83 24.60
CA SER B 200 -8.90 -42.24 24.90
C SER B 200 -9.97 -42.57 23.87
N LEU B 201 -9.61 -43.20 22.75
CA LEU B 201 -10.60 -43.56 21.75
C LEU B 201 -11.43 -44.74 22.23
N GLY B 202 -12.75 -44.62 22.11
CA GLY B 202 -13.68 -45.58 22.61
C GLY B 202 -14.19 -45.30 24.01
N THR B 203 -13.53 -44.40 24.73
CA THR B 203 -13.96 -43.97 26.06
C THR B 203 -14.39 -42.51 26.11
N GLN B 204 -13.90 -41.68 25.21
CA GLN B 204 -14.24 -40.26 25.17
C GLN B 204 -15.00 -39.96 23.88
N THR B 205 -16.07 -39.19 24.01
CA THR B 205 -16.87 -38.75 22.87
C THR B 205 -16.45 -37.35 22.46
N TYR B 206 -16.15 -37.18 21.17
CA TYR B 206 -15.71 -35.90 20.63
C TYR B 206 -16.76 -35.40 19.65
N ILE B 207 -17.29 -34.20 19.91
CA ILE B 207 -18.32 -33.60 19.07
C ILE B 207 -17.84 -32.21 18.67
N CYS B 208 -17.71 -31.98 17.36
CA CYS B 208 -17.29 -30.68 16.86
C CYS B 208 -18.49 -29.76 16.74
N ASN B 209 -18.37 -28.56 17.30
CA ASN B 209 -19.44 -27.57 17.28
C ASN B 209 -19.15 -26.56 16.17
N VAL B 210 -20.00 -26.55 15.14
CA VAL B 210 -19.85 -25.67 13.99
C VAL B 210 -20.97 -24.64 14.06
N ASN B 211 -20.60 -23.36 14.11
CA ASN B 211 -21.56 -22.28 14.27
C ASN B 211 -21.43 -21.34 13.07
N HIS B 212 -22.53 -21.15 12.35
CA HIS B 212 -22.57 -20.32 11.16
C HIS B 212 -23.56 -19.18 11.39
N LYS B 213 -23.04 -17.96 11.59
CA LYS B 213 -23.90 -16.81 11.84
C LYS B 213 -24.85 -16.47 10.70
N PRO B 214 -24.39 -16.33 9.44
CA PRO B 214 -25.31 -15.81 8.40
C PRO B 214 -26.56 -16.65 8.19
N SER B 215 -26.45 -17.98 8.27
CA SER B 215 -27.60 -18.85 8.11
C SER B 215 -28.29 -19.17 9.42
N ASN B 216 -27.74 -18.70 10.55
CA ASN B 216 -28.28 -18.99 11.87
C ASN B 216 -28.44 -20.49 12.10
N THR B 217 -27.46 -21.24 11.63
CA THR B 217 -27.45 -22.70 11.73
C THR B 217 -26.35 -23.12 12.70
N LYS B 218 -26.74 -23.79 13.77
CA LYS B 218 -25.81 -24.32 14.77
C LYS B 218 -25.87 -25.84 14.71
N VAL B 219 -24.80 -26.46 14.26
CA VAL B 219 -24.75 -27.90 14.05
C VAL B 219 -23.63 -28.48 14.91
N ASP B 220 -23.97 -29.49 15.71
CA ASP B 220 -22.99 -30.25 16.48
C ASP B 220 -23.04 -31.69 16.01
N LYS B 221 -21.92 -32.20 15.52
CA LYS B 221 -21.84 -33.53 14.93
C LYS B 221 -20.82 -34.37 15.69
N ARG B 222 -21.22 -35.56 16.10
CA ARG B 222 -20.33 -36.46 16.81
C ARG B 222 -19.32 -37.10 15.85
N VAL B 223 -18.18 -37.50 16.41
CA VAL B 223 -17.17 -38.26 15.68
C VAL B 223 -16.78 -39.45 16.53
N GLU B 224 -16.99 -40.66 16.00
CA GLU B 224 -16.64 -41.89 16.66
C GLU B 224 -15.89 -42.80 15.72
N PRO B 225 -14.98 -43.63 16.23
CA PRO B 225 -14.22 -44.53 15.35
C PRO B 225 -15.12 -45.49 14.60
N LYS B 226 -14.74 -45.79 13.37
CA LYS B 226 -15.50 -46.71 12.54
C LYS B 226 -15.40 -48.13 13.08
N SER B 227 -16.53 -48.84 13.08
CA SER B 227 -16.59 -50.24 13.51
C SER B 227 -16.76 -51.11 12.27
N CYS B 228 -15.81 -52.01 12.05
CA CYS B 228 -15.84 -52.89 10.88
C CYS B 228 -16.54 -54.20 11.19
N ASP C 1 3.66 -2.99 -19.14
CA ASP C 1 4.60 -1.90 -18.83
C ASP C 1 5.91 -2.47 -18.29
N ILE C 2 6.45 -1.87 -17.24
CA ILE C 2 7.70 -2.29 -16.61
C ILE C 2 7.38 -3.37 -15.58
N GLN C 3 8.07 -4.52 -15.70
CA GLN C 3 7.84 -5.65 -14.80
C GLN C 3 8.93 -5.71 -13.75
N LEU C 4 8.54 -6.05 -12.53
CA LEU C 4 9.45 -6.14 -11.39
C LEU C 4 9.39 -7.55 -10.81
N THR C 5 10.56 -8.10 -10.49
CA THR C 5 10.67 -9.47 -10.02
C THR C 5 11.43 -9.51 -8.71
N GLN C 6 10.87 -10.23 -7.73
CA GLN C 6 11.55 -10.51 -6.48
C GLN C 6 12.39 -11.77 -6.65
N SER C 7 13.69 -11.67 -6.36
CA SER C 7 14.56 -12.83 -6.56
C SER C 7 14.21 -13.97 -5.61
N PRO C 8 14.25 -13.80 -4.27
CA PRO C 8 13.79 -14.88 -3.40
C PRO C 8 12.29 -14.79 -3.12
N SER C 9 11.52 -15.81 -3.53
CA SER C 9 10.11 -15.82 -3.19
C SER C 9 9.92 -16.03 -1.69
N PHE C 10 10.62 -17.00 -1.12
CA PHE C 10 10.64 -17.24 0.32
C PHE C 10 12.07 -17.46 0.76
N LEU C 11 12.42 -16.95 1.94
CA LEU C 11 13.79 -17.02 2.43
C LEU C 11 13.75 -17.30 3.93
N SER C 12 14.29 -18.45 4.33
CA SER C 12 14.41 -18.79 5.74
C SER C 12 15.65 -18.14 6.34
N ALA C 13 15.54 -17.70 7.59
CA ALA C 13 16.64 -17.06 8.28
C ALA C 13 16.42 -17.19 9.78
N SER C 14 17.49 -16.93 10.54
CA SER C 14 17.46 -16.98 11.98
C SER C 14 17.80 -15.62 12.57
N VAL C 15 17.74 -15.52 13.89
CA VAL C 15 17.94 -14.25 14.57
C VAL C 15 19.39 -13.82 14.47
N GLY C 16 19.60 -12.55 14.14
CA GLY C 16 20.93 -11.96 14.15
C GLY C 16 21.75 -12.17 12.89
N ASP C 17 21.14 -12.61 11.79
CA ASP C 17 21.87 -12.86 10.56
C ASP C 17 21.71 -11.67 9.61
N ARG C 18 22.18 -11.86 8.37
CA ARG C 18 22.10 -10.87 7.32
C ARG C 18 21.31 -11.43 6.14
N VAL C 19 20.35 -10.65 5.66
CA VAL C 19 19.50 -11.07 4.55
C VAL C 19 19.44 -9.94 3.53
N THR C 20 19.14 -10.31 2.28
CA THR C 20 19.06 -9.35 1.18
C THR C 20 17.97 -9.80 0.21
N VAL C 21 17.14 -8.86 -0.21
CA VAL C 21 16.07 -9.10 -1.18
C VAL C 21 16.36 -8.28 -2.42
N THR C 22 16.36 -8.92 -3.58
CA THR C 22 16.73 -8.29 -4.84
C THR C 22 15.48 -8.08 -5.69
N CYS C 23 15.09 -6.82 -5.84
CA CYS C 23 13.98 -6.44 -6.70
C CYS C 23 14.55 -5.97 -8.02
N ARG C 24 14.38 -6.75 -9.08
CA ARG C 24 14.95 -6.45 -10.38
C ARG C 24 13.87 -5.96 -11.34
N ALA C 25 14.14 -4.83 -12.00
CA ALA C 25 13.23 -4.25 -12.95
C ALA C 25 13.63 -4.63 -14.38
N SER C 26 12.82 -4.22 -15.34
CA SER C 26 13.08 -4.48 -16.75
C SER C 26 13.75 -3.29 -17.45
N GLN C 27 13.27 -2.08 -17.19
CA GLN C 27 13.83 -0.87 -17.77
C GLN C 27 14.63 -0.10 -16.72
N GLY C 28 15.36 0.91 -17.18
CA GLY C 28 16.12 1.76 -16.27
C GLY C 28 15.25 2.82 -15.64
N ILE C 29 15.00 2.70 -14.34
CA ILE C 29 14.07 3.57 -13.64
C ILE C 29 14.80 4.52 -12.69
N SER C 30 16.11 4.70 -12.86
CA SER C 30 16.92 5.61 -12.04
C SER C 30 16.78 5.18 -10.59
N SER C 31 16.18 5.98 -9.72
CA SER C 31 16.06 5.66 -8.29
C SER C 31 14.66 5.95 -7.78
N TYR C 32 13.65 5.69 -8.61
CA TYR C 32 12.25 5.84 -8.19
C TYR C 32 11.69 4.48 -7.76
N VAL C 33 12.21 4.00 -6.63
CA VAL C 33 11.82 2.70 -6.09
C VAL C 33 11.53 2.85 -4.60
N ALA C 34 10.70 1.96 -4.07
CA ALA C 34 10.38 2.00 -2.66
C ALA C 34 10.16 0.57 -2.16
N TRP C 35 10.20 0.41 -0.84
CA TRP C 35 10.02 -0.89 -0.20
C TRP C 35 8.96 -0.78 0.88
N TYR C 36 8.18 -1.85 1.07
CA TYR C 36 7.09 -1.90 2.04
C TYR C 36 7.13 -3.20 2.81
N GLN C 37 6.73 -3.13 4.07
CA GLN C 37 6.63 -4.30 4.94
C GLN C 37 5.19 -4.49 5.37
N GLN C 38 4.69 -5.71 5.24
CA GLN C 38 3.35 -6.08 5.67
C GLN C 38 3.45 -7.13 6.77
N LYS C 39 2.85 -6.83 7.91
CA LYS C 39 2.77 -7.77 9.01
C LYS C 39 1.71 -8.83 8.74
N ALA C 40 1.53 -9.71 9.71
CA ALA C 40 0.51 -10.75 9.60
C ALA C 40 -0.89 -10.14 9.71
N GLY C 41 -1.59 -10.03 8.58
CA GLY C 41 -2.94 -9.51 8.58
C GLY C 41 -3.06 -8.06 9.01
N LYS C 42 -2.09 -7.23 8.66
CA LYS C 42 -2.11 -5.81 9.00
C LYS C 42 -1.81 -4.99 7.75
N ALA C 43 -2.18 -3.72 7.81
CA ALA C 43 -1.95 -2.83 6.68
C ALA C 43 -0.46 -2.55 6.52
N PRO C 44 0.10 -2.68 5.32
CA PRO C 44 1.53 -2.44 5.14
C PRO C 44 1.91 -1.00 5.44
N THR C 45 3.16 -0.82 5.87
CA THR C 45 3.71 0.50 6.18
C THR C 45 4.99 0.71 5.39
N LEU C 46 5.35 1.99 5.23
CA LEU C 46 6.54 2.35 4.47
C LEU C 46 7.80 2.03 5.26
N LEU C 47 8.83 1.57 4.55
CA LEU C 47 10.14 1.30 5.13
C LEU C 47 11.23 2.23 4.60
N ILE C 48 11.34 2.37 3.28
CA ILE C 48 12.41 3.15 2.69
C ILE C 48 11.86 3.77 1.41
N TYR C 49 12.39 4.93 1.04
CA TYR C 49 12.03 5.57 -0.21
C TYR C 49 13.29 6.07 -0.90
N THR C 50 13.25 6.06 -2.23
CA THR C 50 14.42 6.32 -3.08
C THR C 50 15.57 5.36 -2.80
N ALA C 51 15.28 4.26 -2.10
CA ALA C 51 16.21 3.18 -1.76
C ALA C 51 17.37 3.63 -0.89
N SER C 52 17.41 4.89 -0.45
CA SER C 52 18.56 5.36 0.31
C SER C 52 18.17 6.13 1.57
N THR C 53 17.00 6.76 1.57
CA THR C 53 16.63 7.69 2.62
C THR C 53 15.60 7.06 3.56
N LEU C 54 15.98 6.92 4.82
CA LEU C 54 15.05 6.43 5.83
C LEU C 54 13.95 7.45 6.07
N GLN C 55 12.71 6.96 6.22
CA GLN C 55 11.57 7.88 6.29
C GLN C 55 11.37 8.44 7.70
N SER C 56 11.00 7.58 8.65
CA SER C 56 10.74 8.01 10.02
C SER C 56 10.47 6.82 10.93
N GLY C 57 10.98 6.87 12.16
CA GLY C 57 10.68 5.84 13.14
C GLY C 57 11.05 4.44 12.71
N VAL C 58 12.06 4.30 11.86
CA VAL C 58 12.48 3.02 11.31
C VAL C 58 13.81 2.63 11.95
N PRO C 59 13.96 1.40 12.43
CA PRO C 59 15.23 1.01 13.04
C PRO C 59 16.39 1.14 12.07
N SER C 60 17.55 1.52 12.60
CA SER C 60 18.73 1.74 11.78
C SER C 60 19.27 0.47 11.14
N ARG C 61 18.81 -0.70 11.58
CA ARG C 61 19.27 -1.95 10.97
C ARG C 61 18.88 -2.03 9.49
N PHE C 62 17.71 -1.50 9.14
CA PHE C 62 17.28 -1.51 7.75
C PHE C 62 18.13 -0.56 6.91
N SER C 63 18.40 -0.96 5.67
CA SER C 63 19.11 -0.09 4.74
C SER C 63 18.77 -0.53 3.32
N GLY C 64 19.12 0.31 2.35
CA GLY C 64 18.86 -0.01 0.97
C GLY C 64 19.96 0.50 0.07
N SER C 65 20.07 -0.12 -1.11
CA SER C 65 21.06 0.29 -2.08
C SER C 65 20.59 -0.13 -3.46
N GLY C 66 21.22 0.43 -4.48
CA GLY C 66 20.93 0.01 -5.83
C GLY C 66 21.01 1.17 -6.80
N SER C 67 20.97 0.82 -8.08
CA SER C 67 20.97 1.79 -9.17
C SER C 67 20.49 1.11 -10.44
N GLY C 68 20.14 1.92 -11.43
CA GLY C 68 19.74 1.41 -12.72
C GLY C 68 18.55 0.48 -12.66
N THR C 69 18.80 -0.81 -12.87
CA THR C 69 17.74 -1.83 -12.84
C THR C 69 17.93 -2.83 -11.71
N GLU C 70 18.72 -2.49 -10.70
CA GLU C 70 18.97 -3.41 -9.59
C GLU C 70 18.81 -2.68 -8.26
N PHE C 71 18.13 -3.32 -7.32
CA PHE C 71 17.92 -2.78 -5.98
C PHE C 71 18.06 -3.91 -4.96
N THR C 72 18.50 -3.54 -3.76
CA THR C 72 18.71 -4.49 -2.67
C THR C 72 18.31 -3.85 -1.35
N LEU C 73 17.60 -4.62 -0.53
CA LEU C 73 17.21 -4.21 0.82
C LEU C 73 17.98 -5.07 1.81
N THR C 74 18.64 -4.42 2.78
CA THR C 74 19.55 -5.09 3.69
C THR C 74 19.06 -4.95 5.12
N ILE C 75 19.07 -6.07 5.85
CA ILE C 75 18.75 -6.12 7.27
C ILE C 75 20.02 -6.56 7.99
N SER C 76 20.60 -5.65 8.78
CA SER C 76 21.87 -5.96 9.43
C SER C 76 21.70 -7.05 10.49
N SER C 77 20.70 -6.91 11.35
CA SER C 77 20.43 -7.88 12.41
C SER C 77 18.96 -8.24 12.40
N LEU C 78 18.68 -9.52 12.65
CA LEU C 78 17.32 -10.03 12.66
C LEU C 78 16.74 -9.98 14.07
N GLN C 79 15.46 -9.66 14.15
CA GLN C 79 14.71 -9.56 15.39
C GLN C 79 13.43 -10.37 15.26
N PRO C 80 12.83 -10.80 16.38
CA PRO C 80 11.65 -11.67 16.27
C PRO C 80 10.49 -11.04 15.53
N GLU C 81 10.34 -9.72 15.57
CA GLU C 81 9.24 -9.08 14.85
C GLU C 81 9.54 -8.88 13.37
N ASP C 82 10.78 -9.12 12.93
CA ASP C 82 11.11 -8.91 11.52
C ASP C 82 10.42 -9.90 10.60
N PHE C 83 9.89 -10.99 11.13
CA PHE C 83 9.21 -11.99 10.29
C PHE C 83 7.92 -11.41 9.73
N ALA C 84 7.93 -11.08 8.45
CA ALA C 84 6.80 -10.43 7.78
C ALA C 84 7.02 -10.58 6.28
N THR C 85 6.21 -9.88 5.49
CA THR C 85 6.33 -9.91 4.04
C THR C 85 6.86 -8.58 3.53
N TYR C 86 7.61 -8.63 2.43
CA TYR C 86 8.26 -7.45 1.87
C TYR C 86 7.91 -7.30 0.40
N TYR C 87 7.56 -6.08 0.01
CA TYR C 87 7.22 -5.75 -1.37
C TYR C 87 8.08 -4.61 -1.88
N CYS C 88 8.35 -4.62 -3.17
CA CYS C 88 9.09 -3.55 -3.84
C CYS C 88 8.18 -2.87 -4.86
N GLN C 89 8.32 -1.56 -4.98
CA GLN C 89 7.42 -0.75 -5.80
C GLN C 89 8.21 0.16 -6.73
N GLN C 90 7.80 0.18 -7.99
CA GLN C 90 8.30 1.12 -8.99
C GLN C 90 7.61 2.47 -8.85
N LEU C 91 8.32 3.55 -9.18
CA LEU C 91 7.72 4.86 -9.17
C LEU C 91 8.15 5.73 -10.35
N HIS C 92 8.48 5.12 -11.49
CA HIS C 92 8.90 5.90 -12.66
C HIS C 92 7.71 6.39 -13.47
N SER C 93 6.81 5.52 -13.90
CA SER C 93 5.67 5.93 -14.76
C SER C 93 4.38 6.18 -13.98
N TYR C 94 3.21 5.91 -14.58
CA TYR C 94 1.93 6.04 -13.84
C TYR C 94 1.12 4.76 -13.65
N PRO C 95 1.23 3.67 -14.42
CA PRO C 95 0.57 2.44 -14.01
C PRO C 95 1.56 1.79 -13.03
N VAL C 96 1.50 2.02 -11.69
CA VAL C 96 2.54 1.56 -10.69
C VAL C 96 2.58 0.05 -10.61
N THR C 97 3.71 -0.55 -10.32
CA THR C 97 3.68 -2.03 -10.33
C THR C 97 4.40 -2.65 -9.15
N PHE C 98 3.72 -3.49 -8.38
CA PHE C 98 4.33 -4.07 -7.20
C PHE C 98 4.95 -5.42 -7.53
N GLY C 99 5.97 -5.80 -6.75
CA GLY C 99 6.59 -7.10 -6.93
C GLY C 99 5.69 -8.22 -6.47
N GLN C 100 6.08 -9.45 -6.83
CA GLN C 100 5.26 -10.60 -6.50
C GLN C 100 5.29 -10.93 -5.02
N GLY C 101 6.17 -10.31 -4.24
CA GLY C 101 6.15 -10.48 -2.81
C GLY C 101 7.18 -11.45 -2.28
N THR C 102 7.85 -11.08 -1.19
CA THR C 102 8.83 -11.93 -0.52
C THR C 102 8.36 -12.18 0.91
N ARG C 103 8.30 -13.45 1.29
CA ARG C 103 7.85 -13.85 2.61
C ARG C 103 9.02 -14.46 3.40
N LEU C 104 9.22 -13.97 4.62
CA LEU C 104 10.28 -14.48 5.47
C LEU C 104 9.74 -15.56 6.42
N ASP C 105 10.60 -16.53 6.72
CA ASP C 105 10.23 -17.66 7.56
C ASP C 105 11.31 -17.90 8.59
N ILE C 106 10.91 -18.51 9.70
CA ILE C 106 11.86 -18.86 10.75
C ILE C 106 12.71 -20.04 10.29
N GLU C 107 13.88 -20.18 10.92
CA GLU C 107 14.82 -21.23 10.60
C GLU C 107 14.78 -22.31 11.68
N ARG C 108 14.57 -23.59 11.31
CA ARG C 108 14.46 -24.70 12.31
C ARG C 108 14.81 -26.07 11.71
N THR C 109 14.48 -27.16 12.42
CA THR C 109 14.98 -28.56 12.18
C THR C 109 14.05 -29.31 11.23
N VAL C 110 14.58 -30.15 10.34
CA VAL C 110 13.69 -30.81 9.33
C VAL C 110 12.75 -31.77 10.06
N ALA C 111 11.50 -31.91 9.58
CA ALA C 111 10.51 -32.76 10.28
C ALA C 111 9.90 -33.73 9.29
N ALA C 112 9.81 -35.00 9.64
CA ALA C 112 9.16 -35.89 8.69
C ALA C 112 7.65 -35.80 8.87
N PRO C 113 6.89 -35.45 7.85
CA PRO C 113 5.44 -35.29 8.03
C PRO C 113 4.74 -36.63 8.25
N SER C 114 3.76 -36.62 9.15
CA SER C 114 2.94 -37.79 9.38
C SER C 114 1.83 -37.85 8.33
N VAL C 115 1.69 -39.00 7.68
CA VAL C 115 0.78 -39.15 6.55
C VAL C 115 -0.43 -39.95 7.00
N PHE C 116 -1.62 -39.38 6.80
CA PHE C 116 -2.88 -40.04 7.13
C PHE C 116 -3.83 -39.89 5.95
N ILE C 117 -4.53 -40.98 5.64
CA ILE C 117 -5.50 -41.01 4.55
C ILE C 117 -6.83 -41.51 5.13
N PHE C 118 -7.92 -40.83 4.76
CA PHE C 118 -9.23 -41.14 5.28
C PHE C 118 -10.14 -41.62 4.16
N PRO C 119 -10.98 -42.62 4.41
CA PRO C 119 -11.93 -43.07 3.38
C PRO C 119 -13.17 -42.21 3.39
N PRO C 120 -13.87 -42.11 2.26
CA PRO C 120 -15.11 -41.34 2.23
C PRO C 120 -16.15 -41.94 3.18
N SER C 121 -16.91 -41.06 3.82
CA SER C 121 -17.97 -41.49 4.73
C SER C 121 -19.19 -41.93 3.93
N ASP C 122 -19.97 -42.84 4.53
CA ASP C 122 -21.17 -43.35 3.86
C ASP C 122 -22.23 -42.27 3.72
N GLU C 123 -22.33 -41.37 4.69
CA GLU C 123 -23.34 -40.32 4.62
C GLU C 123 -23.12 -39.41 3.41
N GLN C 124 -21.86 -39.16 3.06
CA GLN C 124 -21.58 -38.32 1.89
C GLN C 124 -21.98 -39.03 0.60
N LEU C 125 -21.87 -40.36 0.56
CA LEU C 125 -22.06 -41.09 -0.69
C LEU C 125 -23.47 -40.93 -1.22
N LYS C 126 -24.48 -41.00 -0.35
CA LYS C 126 -25.85 -40.90 -0.84
C LYS C 126 -26.17 -39.52 -1.38
N SER C 127 -25.40 -38.50 -1.00
CA SER C 127 -25.61 -37.15 -1.49
C SER C 127 -25.13 -36.95 -2.92
N GLY C 128 -24.39 -37.90 -3.48
CA GLY C 128 -23.92 -37.81 -4.84
C GLY C 128 -22.49 -37.37 -5.02
N THR C 129 -21.73 -37.22 -3.94
CA THR C 129 -20.34 -36.77 -4.01
C THR C 129 -19.44 -37.75 -3.25
N ALA C 130 -18.19 -37.82 -3.69
CA ALA C 130 -17.19 -38.66 -3.07
C ALA C 130 -15.91 -37.86 -2.90
N SER C 131 -15.25 -38.01 -1.75
CA SER C 131 -14.04 -37.25 -1.45
C SER C 131 -13.11 -38.10 -0.60
N VAL C 132 -11.82 -38.09 -0.95
CA VAL C 132 -10.77 -38.73 -0.18
C VAL C 132 -9.77 -37.67 0.24
N VAL C 133 -9.36 -37.69 1.50
CA VAL C 133 -8.51 -36.65 2.08
C VAL C 133 -7.16 -37.24 2.43
N CYS C 134 -6.10 -36.60 1.94
CA CYS C 134 -4.73 -36.94 2.30
C CYS C 134 -4.23 -35.89 3.28
N LEU C 135 -3.77 -36.34 4.45
CA LEU C 135 -3.43 -35.44 5.55
C LEU C 135 -1.94 -35.46 5.81
N LEU C 136 -1.33 -34.27 5.86
CA LEU C 136 0.07 -34.10 6.18
C LEU C 136 0.19 -33.26 7.44
N ASN C 137 0.99 -33.70 8.40
CA ASN C 137 1.05 -33.07 9.71
C ASN C 137 2.49 -32.86 10.16
N ASN C 138 2.78 -31.66 10.66
CA ASN C 138 4.00 -31.36 11.39
C ASN C 138 5.26 -31.62 10.55
N PHE C 139 5.38 -30.83 9.47
CA PHE C 139 6.58 -30.84 8.64
C PHE C 139 7.20 -29.46 8.65
N TYR C 140 8.51 -29.39 8.89
CA TYR C 140 9.14 -28.06 9.04
C TYR C 140 9.26 -27.38 7.67
N PRO C 141 9.81 -28.01 6.61
CA PRO C 141 9.86 -27.30 5.32
C PRO C 141 8.45 -27.07 4.77
N ARG C 142 8.16 -25.82 4.42
CA ARG C 142 6.85 -25.50 3.88
C ARG C 142 6.61 -26.19 2.54
N GLU C 143 7.62 -26.22 1.69
CA GLU C 143 7.48 -26.84 0.38
C GLU C 143 7.27 -28.34 0.50
N ALA C 144 6.42 -28.88 -0.36
CA ALA C 144 6.12 -30.31 -0.40
C ALA C 144 5.45 -30.62 -1.73
N LYS C 145 4.99 -31.86 -1.88
CA LYS C 145 4.30 -32.26 -3.10
C LYS C 145 3.34 -33.40 -2.77
N VAL C 146 2.09 -33.27 -3.21
CA VAL C 146 1.06 -34.28 -3.01
C VAL C 146 0.64 -34.78 -4.38
N GLN C 147 0.76 -36.09 -4.59
CA GLN C 147 0.37 -36.72 -5.85
C GLN C 147 -0.72 -37.75 -5.58
N TRP C 148 -1.75 -37.73 -6.40
CA TRP C 148 -2.89 -38.65 -6.26
C TRP C 148 -2.73 -39.80 -7.23
N LYS C 149 -2.72 -41.02 -6.71
CA LYS C 149 -2.52 -42.23 -7.50
C LYS C 149 -3.68 -43.18 -7.21
N VAL C 150 -4.46 -43.50 -8.24
CA VAL C 150 -5.60 -44.39 -8.12
C VAL C 150 -5.45 -45.52 -9.11
N ASP C 151 -5.54 -46.76 -8.62
CA ASP C 151 -5.40 -47.96 -9.45
C ASP C 151 -4.09 -47.92 -10.24
N ASN C 152 -3.01 -47.53 -9.57
CA ASN C 152 -1.68 -47.39 -10.16
C ASN C 152 -1.67 -46.40 -11.31
N ALA C 153 -2.59 -45.44 -11.32
CA ALA C 153 -2.65 -44.40 -12.34
C ALA C 153 -2.62 -43.03 -11.68
N LEU C 154 -1.74 -42.16 -12.18
CA LEU C 154 -1.64 -40.82 -11.64
C LEU C 154 -2.91 -40.03 -11.91
N GLN C 155 -3.30 -39.20 -10.94
CA GLN C 155 -4.49 -38.38 -11.04
C GLN C 155 -4.11 -36.91 -10.98
N SER C 156 -4.77 -36.10 -11.82
CA SER C 156 -4.47 -34.67 -11.89
C SER C 156 -5.72 -33.92 -12.35
N GLY C 157 -5.73 -32.62 -12.06
CA GLY C 157 -6.79 -31.74 -12.51
C GLY C 157 -8.06 -31.77 -11.69
N ASN C 158 -8.12 -32.59 -10.64
CA ASN C 158 -9.32 -32.71 -9.83
C ASN C 158 -9.01 -32.77 -8.34
N SER C 159 -7.93 -32.11 -7.91
CA SER C 159 -7.55 -32.09 -6.50
C SER C 159 -7.14 -30.69 -6.10
N GLN C 160 -7.30 -30.39 -4.82
CA GLN C 160 -6.98 -29.08 -4.26
C GLN C 160 -6.29 -29.26 -2.92
N GLU C 161 -5.48 -28.27 -2.54
CA GLU C 161 -4.68 -28.35 -1.33
C GLU C 161 -4.75 -27.02 -0.58
N SER C 162 -4.47 -27.08 0.72
CA SER C 162 -4.44 -25.90 1.57
C SER C 162 -3.42 -26.10 2.68
N VAL C 163 -2.67 -25.05 2.99
CA VAL C 163 -1.59 -25.09 3.98
C VAL C 163 -1.93 -24.14 5.11
N THR C 164 -1.75 -24.60 6.34
CA THR C 164 -1.96 -23.75 7.51
C THR C 164 -0.73 -22.87 7.75
N GLU C 165 -0.92 -21.87 8.62
CA GLU C 165 0.17 -21.01 9.03
C GLU C 165 1.12 -21.77 9.96
N GLN C 166 2.36 -21.30 10.02
CA GLN C 166 3.36 -21.91 10.89
C GLN C 166 2.88 -21.93 12.33
N ASP C 167 3.05 -23.08 12.98
CA ASP C 167 2.59 -23.24 14.36
C ASP C 167 3.41 -22.37 15.30
N SER C 168 2.74 -21.83 16.31
CA SER C 168 3.41 -20.97 17.28
C SER C 168 4.15 -21.77 18.36
N LYS C 169 3.89 -23.07 18.47
CA LYS C 169 4.54 -23.91 19.46
C LYS C 169 5.58 -24.83 18.84
N ASP C 170 5.17 -25.64 17.85
CA ASP C 170 6.08 -26.58 17.21
C ASP C 170 6.79 -26.00 15.99
N SER C 171 6.38 -24.82 15.53
CA SER C 171 6.98 -24.16 14.37
C SER C 171 6.99 -25.08 13.14
N THR C 172 5.88 -25.79 12.94
CA THR C 172 5.73 -26.69 11.81
C THR C 172 4.57 -26.22 10.93
N TYR C 173 4.25 -27.03 9.93
CA TYR C 173 3.19 -26.74 8.99
C TYR C 173 2.31 -27.96 8.80
N SER C 174 1.07 -27.73 8.37
CA SER C 174 0.12 -28.79 8.10
C SER C 174 -0.47 -28.61 6.71
N LEU C 175 -0.62 -29.71 5.98
CA LEU C 175 -1.14 -29.69 4.62
C LEU C 175 -2.24 -30.72 4.49
N SER C 176 -3.34 -30.33 3.85
CA SER C 176 -4.48 -31.21 3.60
C SER C 176 -4.78 -31.21 2.11
N SER C 177 -5.07 -32.40 1.58
CA SER C 177 -5.40 -32.57 0.17
C SER C 177 -6.85 -33.05 0.06
N THR C 178 -7.60 -32.46 -0.86
CA THR C 178 -9.00 -32.81 -1.08
C THR C 178 -9.16 -33.28 -2.52
N LEU C 179 -9.59 -34.52 -2.68
CA LEU C 179 -9.81 -35.12 -3.99
C LEU C 179 -11.30 -35.34 -4.21
N THR C 180 -11.82 -34.84 -5.32
CA THR C 180 -13.26 -34.85 -5.60
C THR C 180 -13.58 -35.86 -6.68
N LEU C 181 -14.51 -36.77 -6.39
CA LEU C 181 -14.99 -37.74 -7.35
C LEU C 181 -16.51 -37.83 -7.28
N SER C 182 -17.12 -38.21 -8.40
CA SER C 182 -18.53 -38.53 -8.41
C SER C 182 -18.78 -39.91 -7.82
N LYS C 183 -20.02 -40.16 -7.42
CA LYS C 183 -20.35 -41.44 -6.81
C LYS C 183 -20.15 -42.59 -7.79
N ALA C 184 -20.50 -42.38 -9.06
CA ALA C 184 -20.28 -43.42 -10.07
C ALA C 184 -18.78 -43.67 -10.28
N ASP C 185 -17.98 -42.60 -10.33
CA ASP C 185 -16.55 -42.77 -10.55
C ASP C 185 -15.86 -43.42 -9.36
N TYR C 186 -16.32 -43.11 -8.14
CA TYR C 186 -15.71 -43.69 -6.95
C TYR C 186 -15.83 -45.21 -6.94
N GLU C 187 -17.02 -45.73 -7.26
CA GLU C 187 -17.24 -47.16 -7.16
C GLU C 187 -16.57 -47.93 -8.29
N LYS C 188 -16.14 -47.26 -9.36
CA LYS C 188 -15.54 -47.95 -10.48
C LYS C 188 -14.09 -48.37 -10.20
N HIS C 189 -13.34 -47.59 -9.43
CA HIS C 189 -11.96 -47.89 -9.12
C HIS C 189 -11.87 -48.81 -7.90
N LYS C 190 -10.67 -49.38 -7.71
CA LYS C 190 -10.43 -50.35 -6.65
C LYS C 190 -9.57 -49.80 -5.52
N VAL C 191 -8.40 -49.26 -5.82
CA VAL C 191 -7.45 -48.82 -4.80
C VAL C 191 -7.17 -47.33 -5.01
N TYR C 192 -7.12 -46.59 -3.90
CA TYR C 192 -6.82 -45.17 -3.90
C TYR C 192 -5.59 -44.92 -3.05
N ALA C 193 -4.60 -44.22 -3.60
CA ALA C 193 -3.32 -44.02 -2.94
C ALA C 193 -2.90 -42.56 -3.03
N CYS C 194 -2.06 -42.14 -2.09
CA CYS C 194 -1.57 -40.77 -2.02
C CYS C 194 -0.05 -40.81 -1.96
N GLU C 195 0.60 -40.04 -2.83
CA GLU C 195 2.06 -39.97 -2.89
C GLU C 195 2.55 -38.69 -2.25
N VAL C 196 3.49 -38.81 -1.33
CA VAL C 196 4.04 -37.69 -0.59
C VAL C 196 5.56 -37.68 -0.77
N THR C 197 6.10 -36.55 -1.18
CA THR C 197 7.54 -36.35 -1.28
C THR C 197 7.94 -35.16 -0.41
N HIS C 198 8.96 -35.36 0.43
CA HIS C 198 9.32 -34.35 1.41
C HIS C 198 10.82 -34.44 1.68
N GLN C 199 11.39 -33.32 2.13
CA GLN C 199 12.82 -33.25 2.38
C GLN C 199 13.23 -34.19 3.52
N GLY C 200 12.45 -34.24 4.58
CA GLY C 200 12.72 -35.11 5.71
C GLY C 200 12.33 -36.56 5.51
N LEU C 201 11.73 -36.89 4.37
CA LEU C 201 11.35 -38.25 4.04
C LEU C 201 12.30 -38.78 2.98
N SER C 202 13.01 -39.87 3.30
CA SER C 202 14.04 -40.38 2.41
C SER C 202 13.45 -40.85 1.08
N SER C 203 12.35 -41.60 1.14
CA SER C 203 11.71 -42.13 -0.04
C SER C 203 10.22 -41.84 0.02
N PRO C 204 9.56 -41.71 -1.14
CA PRO C 204 8.11 -41.45 -1.13
C PRO C 204 7.36 -42.54 -0.38
N VAL C 205 6.55 -42.12 0.58
CA VAL C 205 5.77 -43.03 1.42
C VAL C 205 4.31 -42.90 1.02
N THR C 206 3.68 -44.04 0.74
CA THR C 206 2.31 -44.08 0.22
C THR C 206 1.39 -44.65 1.28
N LYS C 207 0.37 -43.88 1.67
CA LYS C 207 -0.70 -44.35 2.52
C LYS C 207 -1.94 -44.54 1.65
N SER C 208 -2.49 -45.75 1.68
CA SER C 208 -3.55 -46.13 0.75
C SER C 208 -4.52 -47.08 1.41
N PHE C 209 -5.65 -47.28 0.75
CA PHE C 209 -6.66 -48.22 1.21
C PHE C 209 -7.41 -48.76 0.00
N ASN C 210 -8.05 -49.91 0.18
CA ASN C 210 -8.85 -50.54 -0.86
C ASN C 210 -10.32 -50.21 -0.65
N ARG C 211 -11.05 -50.05 -1.75
CA ARG C 211 -12.47 -49.71 -1.67
C ARG C 211 -13.26 -50.83 -1.00
N GLY C 212 -12.94 -52.08 -1.31
CA GLY C 212 -13.62 -53.23 -0.76
C GLY C 212 -13.09 -53.72 0.58
N GLU C 213 -12.18 -52.98 1.20
CA GLU C 213 -11.60 -53.34 2.48
C GLU C 213 -12.04 -52.36 3.55
N CYS C 214 -12.32 -52.87 4.75
CA CYS C 214 -12.72 -52.04 5.87
C CYS C 214 -11.54 -51.78 6.81
C1 NAG D . 11.43 22.30 8.66
C2 NAG D . 11.73 23.15 9.92
C3 NAG D . 12.85 22.54 10.76
C4 NAG D . 12.49 21.10 11.11
C5 NAG D . 12.31 20.33 9.80
C6 NAG D . 11.94 18.88 10.03
C7 NAG D . 12.92 25.15 8.87
C8 NAG D . 13.89 24.24 8.17
N2 NAG D . 11.97 24.57 9.65
O3 NAG D . 13.03 23.30 11.96
O4 NAG D . 13.41 20.48 11.99
O5 NAG D . 11.24 20.91 9.05
O6 NAG D . 12.98 18.00 9.58
O7 NAG D . 12.98 26.37 8.74
C1 NAG D . 14.79 20.53 11.58
C2 NAG D . 15.63 20.88 12.81
C3 NAG D . 17.12 20.86 12.47
C4 NAG D . 17.50 19.54 11.83
C5 NAG D . 16.60 19.26 10.64
C6 NAG D . 16.84 17.90 10.02
C7 NAG D . 15.02 22.40 14.66
C8 NAG D . 15.19 21.23 15.56
N2 NAG D . 15.24 22.18 13.34
O3 NAG D . 17.87 21.07 13.66
O4 NAG D . 18.85 19.58 11.40
O5 NAG D . 15.22 19.28 11.05
O6 NAG D . 18.01 17.29 10.56
O7 NAG D . 14.70 23.51 15.07
#